data_7N6P
#
_entry.id   7N6P
#
_cell.length_a   73.885
_cell.length_b   83.737
_cell.length_c   133.753
_cell.angle_alpha   90.00
_cell.angle_beta   90.00
_cell.angle_gamma   90.00
#
_symmetry.space_group_name_H-M   'P 21 21 21'
#
loop_
_entity.id
_entity.type
_entity.pdbx_description
1 polymer '1C3 Fab heavy chain'
2 polymer '1C3 Fab light chain'
3 water water
#
loop_
_entity_poly.entity_id
_entity_poly.type
_entity_poly.pdbx_seq_one_letter_code
_entity_poly.pdbx_strand_id
1 'polypeptide(L)'
;QVQLVQSGAEVKKPGSSVKVACKVSGGTFSSYTISWVRQAPGQGLEWMGGIIPSFGVGHYSQKFRDRVTLTADKSTTTAF
LELSSVRSEDTALYYCAILGTFNWKSGGNYFGPWGQGTLVTVSSASTKGPSVFPLAPSSKSTSGGTAALGCLVKDYFPEP
VTVSWNSGALTSGVHTFPAVLQSSGLYSLSSVVTVPSSSLGTQTYICNVNHKPSNTKVDKKVEPKSC
;
H,A
2 'polypeptide(L)'
;DIVLTQSPDSLAASLGERATISCKSSHSVLYSSNNKDFFAWYQQKPGQPPKLLISWASTRESGVPVRFNGGGSGTHFTLT
ISSLQAEDVAVYYCQQYFSSPITFGQGTRLEIKRTVAAPSVFIFPPSDEQLKSGTASVVCLLNNFYPREAKVQWKVDNAL
QSGNSQESVTEQDSKDSTYSLSSTLTLSKADYEKHKVYACEVTHQGLSSPVTKSFNR
;
L,B
#
# COMPACT_ATOMS: atom_id res chain seq x y z
N GLN A 1 -35.63 -11.43 15.03
CA GLN A 1 -34.58 -10.43 15.26
C GLN A 1 -35.08 -9.01 14.97
N VAL A 2 -34.60 -8.05 15.75
CA VAL A 2 -34.96 -6.64 15.56
C VAL A 2 -34.17 -6.07 14.39
N GLN A 3 -34.81 -5.21 13.61
CA GLN A 3 -34.18 -4.56 12.48
C GLN A 3 -34.38 -3.05 12.62
N LEU A 4 -33.36 -2.29 12.24
CA LEU A 4 -33.45 -0.83 12.18
C LEU A 4 -33.48 -0.38 10.72
N VAL A 5 -34.43 0.47 10.37
CA VAL A 5 -34.55 1.00 9.02
C VAL A 5 -34.52 2.52 9.10
N GLN A 6 -33.52 3.13 8.47
CA GLN A 6 -33.34 4.57 8.57
C GLN A 6 -33.93 5.27 7.36
N SER A 7 -34.12 6.58 7.51
CA SER A 7 -34.65 7.36 6.40
C SER A 7 -33.59 7.54 5.32
N GLY A 8 -34.01 8.10 4.20
CA GLY A 8 -33.18 8.12 3.00
C GLY A 8 -32.13 9.21 3.02
N ALA A 9 -31.23 9.13 2.05
CA ALA A 9 -30.18 10.14 1.91
C ALA A 9 -30.82 11.51 1.67
N GLU A 10 -30.04 12.54 1.99
CA GLU A 10 -30.57 13.88 2.17
C GLU A 10 -29.46 14.89 1.90
N VAL A 11 -29.78 15.96 1.20
CA VAL A 11 -28.87 17.10 1.10
C VAL A 11 -29.51 18.28 1.81
N LYS A 12 -28.71 18.97 2.62
CA LYS A 12 -29.18 20.10 3.39
C LYS A 12 -28.19 21.25 3.26
N LYS A 13 -28.72 22.46 3.21
CA LYS A 13 -27.89 23.63 3.03
C LYS A 13 -27.15 23.94 4.33
N PRO A 14 -25.98 24.57 4.25
CA PRO A 14 -25.25 24.94 5.47
C PRO A 14 -26.10 25.77 6.41
N GLY A 15 -25.98 25.50 7.71
CA GLY A 15 -26.73 26.21 8.72
C GLY A 15 -28.10 25.67 9.00
N SER A 16 -28.60 24.73 8.19
CA SER A 16 -29.93 24.20 8.40
C SER A 16 -29.93 23.12 9.48
N SER A 17 -31.12 22.66 9.83
CA SER A 17 -31.30 21.55 10.75
C SER A 17 -31.60 20.28 9.97
N VAL A 18 -31.16 19.14 10.50
CA VAL A 18 -31.29 17.87 9.82
C VAL A 18 -31.87 16.85 10.79
N LYS A 19 -32.81 16.05 10.32
CA LYS A 19 -33.42 14.97 11.08
C LYS A 19 -33.24 13.67 10.32
N VAL A 20 -32.64 12.67 10.98
CA VAL A 20 -32.53 11.31 10.46
C VAL A 20 -33.44 10.43 11.30
N ALA A 21 -34.29 9.65 10.65
CA ALA A 21 -35.21 8.77 11.35
C ALA A 21 -34.65 7.35 11.39
N CYS A 22 -34.99 6.64 12.46
CA CYS A 22 -34.56 5.26 12.69
C CYS A 22 -35.76 4.50 13.23
N LYS A 23 -36.41 3.72 12.38
CA LYS A 23 -37.58 2.93 12.78
C LYS A 23 -37.09 1.62 13.38
N VAL A 24 -37.46 1.35 14.62
CA VAL A 24 -37.09 0.11 15.30
C VAL A 24 -38.21 -0.89 15.11
N SER A 25 -37.93 -2.00 14.43
CA SER A 25 -38.93 -3.05 14.30
C SER A 25 -39.19 -3.68 15.67
N GLY A 26 -40.27 -4.45 15.74
CA GLY A 26 -40.64 -5.11 16.98
C GLY A 26 -41.69 -4.39 17.79
N GLY A 27 -42.05 -3.16 17.44
CA GLY A 27 -43.18 -2.52 18.10
C GLY A 27 -42.91 -1.95 19.47
N THR A 28 -41.66 -1.91 19.92
CA THR A 28 -41.37 -1.44 21.26
C THR A 28 -39.93 -0.96 21.31
N PHE A 29 -39.68 0.05 22.13
CA PHE A 29 -38.30 0.43 22.44
C PHE A 29 -37.74 -0.43 23.56
N SER A 30 -38.61 -1.16 24.27
CA SER A 30 -38.22 -2.11 25.34
C SER A 30 -37.23 -1.39 26.26
N SER A 31 -36.08 -2.00 26.57
CA SER A 31 -35.07 -1.35 27.38
C SER A 31 -33.86 -0.93 26.55
N TYR A 32 -34.05 -0.75 25.24
CA TYR A 32 -32.93 -0.50 24.34
C TYR A 32 -32.39 0.92 24.52
N THR A 33 -31.09 1.05 24.32
CA THR A 33 -30.46 2.32 24.02
C THR A 33 -30.33 2.41 22.51
N ILE A 34 -30.91 3.46 21.91
CA ILE A 34 -30.69 3.76 20.50
C ILE A 34 -29.52 4.74 20.41
N SER A 35 -28.39 4.26 19.90
CA SER A 35 -27.20 5.08 19.69
C SER A 35 -27.08 5.51 18.23
N TRP A 36 -26.37 6.61 18.03
CA TRP A 36 -26.09 7.12 16.70
C TRP A 36 -24.58 7.21 16.52
N VAL A 37 -24.11 6.75 15.37
CA VAL A 37 -22.70 6.65 15.06
C VAL A 37 -22.47 7.35 13.73
N ARG A 38 -21.45 8.19 13.67
CA ARG A 38 -21.14 8.93 12.46
C ARG A 38 -19.93 8.32 11.77
N GLN A 39 -20.00 8.16 10.46
CA GLN A 39 -18.85 7.75 9.67
C GLN A 39 -18.57 8.84 8.64
N ALA A 40 -17.68 9.70 8.98
CA ALA A 40 -17.29 10.73 8.03
C ALA A 40 -16.07 10.26 7.26
N PRO A 41 -15.83 10.76 6.05
CA PRO A 41 -14.63 10.32 5.31
C PRO A 41 -13.35 10.66 6.04
N GLY A 42 -12.58 9.62 6.37
CA GLY A 42 -11.28 9.78 6.99
C GLY A 42 -11.26 9.88 8.52
N GLN A 43 -12.41 9.76 9.18
CA GLN A 43 -12.46 9.84 10.65
C GLN A 43 -13.08 8.59 11.27
N GLY A 44 -13.08 7.46 10.56
CA GLY A 44 -13.55 6.20 11.14
C GLY A 44 -14.98 6.28 11.64
N LEU A 45 -15.23 5.66 12.79
CA LEU A 45 -16.55 5.62 13.41
C LEU A 45 -16.50 6.41 14.71
N GLU A 46 -17.44 7.32 14.90
CA GLU A 46 -17.51 8.09 16.13
C GLU A 46 -18.92 8.02 16.70
N TRP A 47 -19.01 7.68 17.98
CA TRP A 47 -20.28 7.65 18.70
C TRP A 47 -20.72 9.07 19.02
N MET A 48 -21.93 9.43 18.62
CA MET A 48 -22.43 10.77 18.86
C MET A 48 -23.23 10.85 20.15
N GLY A 49 -24.10 9.87 20.38
CA GLY A 49 -24.90 9.83 21.58
C GLY A 49 -25.93 8.73 21.48
N GLY A 50 -26.66 8.55 22.56
CA GLY A 50 -27.67 7.51 22.63
C GLY A 50 -28.84 7.95 23.49
N ILE A 51 -30.02 7.44 23.16
CA ILE A 51 -31.23 7.76 23.89
C ILE A 51 -31.84 6.46 24.40
N ILE A 52 -32.32 6.49 25.63
CA ILE A 52 -33.07 5.39 26.22
C ILE A 52 -34.52 5.85 26.27
N PRO A 53 -35.31 5.61 25.22
CA PRO A 53 -36.63 6.24 25.14
C PRO A 53 -37.55 5.86 26.28
N SER A 54 -37.41 4.66 26.84
CA SER A 54 -38.26 4.21 27.94
C SER A 54 -38.06 5.07 29.19
N PHE A 55 -36.89 5.67 29.35
CA PHE A 55 -36.59 6.52 30.50
C PHE A 55 -36.50 7.99 30.13
N GLY A 56 -36.66 8.33 28.86
CA GLY A 56 -36.53 9.72 28.43
C GLY A 56 -35.20 10.36 28.78
N VAL A 57 -34.11 9.61 28.70
CA VAL A 57 -32.79 10.14 28.99
C VAL A 57 -31.87 9.90 27.80
N GLY A 58 -30.98 10.84 27.56
CA GLY A 58 -29.98 10.70 26.51
C GLY A 58 -28.64 11.20 27.00
N HIS A 59 -27.58 10.67 26.41
CA HIS A 59 -26.22 11.09 26.70
C HIS A 59 -25.46 11.26 25.40
N TYR A 60 -24.40 12.09 25.45
CA TYR A 60 -23.69 12.47 24.23
C TYR A 60 -22.19 12.47 24.48
N SER A 61 -21.43 12.39 23.40
CA SER A 61 -20.02 12.71 23.48
C SER A 61 -19.85 14.23 23.47
N GLN A 62 -18.77 14.70 24.11
CA GLN A 62 -18.46 16.13 24.17
C GLN A 62 -18.42 16.76 22.79
N LYS A 63 -17.99 16.01 21.77
CA LYS A 63 -17.86 16.57 20.43
C LYS A 63 -19.20 17.02 19.87
N PHE A 64 -20.30 16.38 20.26
CA PHE A 64 -21.59 16.61 19.64
C PHE A 64 -22.66 17.12 20.59
N ARG A 65 -22.37 17.21 21.89
CA ARG A 65 -23.40 17.52 22.89
C ARG A 65 -24.10 18.85 22.60
N ASP A 66 -23.37 19.85 22.13
CA ASP A 66 -23.91 21.20 21.99
C ASP A 66 -24.64 21.44 20.67
N ARG A 67 -24.73 20.44 19.79
CA ARG A 67 -25.37 20.67 18.50
C ARG A 67 -26.21 19.48 18.05
N VAL A 68 -26.42 18.49 18.91
CA VAL A 68 -27.19 17.30 18.60
C VAL A 68 -28.30 17.18 19.65
N THR A 69 -29.47 16.73 19.21
CA THR A 69 -30.55 16.40 20.12
C THR A 69 -31.18 15.10 19.66
N LEU A 70 -31.50 14.24 20.61
CA LEU A 70 -32.13 12.97 20.32
C LEU A 70 -33.57 13.00 20.78
N THR A 71 -34.46 12.47 19.97
CA THR A 71 -35.88 12.36 20.30
C THR A 71 -36.35 10.97 19.92
N ALA A 72 -37.57 10.65 20.33
CA ALA A 72 -38.21 9.39 19.99
C ALA A 72 -39.71 9.64 19.82
N ASP A 73 -40.29 9.04 18.79
CA ASP A 73 -41.73 9.05 18.59
C ASP A 73 -42.25 7.70 19.06
N LYS A 74 -42.90 7.66 20.22
CA LYS A 74 -43.37 6.39 20.74
C LYS A 74 -44.57 5.84 19.98
N SER A 75 -45.33 6.70 19.30
CA SER A 75 -46.47 6.22 18.51
C SER A 75 -46.03 5.44 17.28
N THR A 76 -44.76 5.55 16.88
CA THR A 76 -44.27 4.83 15.70
C THR A 76 -43.01 4.05 16.00
N THR A 77 -42.58 3.98 17.26
CA THR A 77 -41.30 3.42 17.66
C THR A 77 -40.19 3.83 16.69
N THR A 78 -40.10 5.15 16.46
CA THR A 78 -39.07 5.74 15.62
C THR A 78 -38.24 6.68 16.47
N ALA A 79 -36.92 6.51 16.42
CA ALA A 79 -35.98 7.41 17.05
C ALA A 79 -35.42 8.37 16.01
N PHE A 80 -35.12 9.60 16.45
CA PHE A 80 -34.67 10.65 15.54
C PHE A 80 -33.36 11.25 16.01
N LEU A 81 -32.46 11.48 15.07
CA LEU A 81 -31.23 12.21 15.30
C LEU A 81 -31.40 13.59 14.69
N GLU A 82 -31.17 14.63 15.48
CA GLU A 82 -31.35 15.98 15.00
C GLU A 82 -30.02 16.71 15.12
N LEU A 83 -29.51 17.18 14.00
CA LEU A 83 -28.26 17.92 13.92
C LEU A 83 -28.58 19.39 13.69
N SER A 84 -27.95 20.26 14.46
CA SER A 84 -28.16 21.69 14.37
C SER A 84 -26.95 22.34 13.70
N SER A 85 -27.20 23.45 13.00
CA SER A 85 -26.13 24.24 12.41
C SER A 85 -25.15 23.37 11.63
N VAL A 86 -25.67 22.67 10.61
CA VAL A 86 -24.84 21.72 9.88
C VAL A 86 -23.76 22.47 9.11
N ARG A 87 -22.58 21.88 9.04
CA ARG A 87 -21.42 22.38 8.33
C ARG A 87 -21.00 21.36 7.28
N SER A 88 -20.21 21.82 6.31
CA SER A 88 -19.66 20.91 5.30
C SER A 88 -19.01 19.70 5.95
N GLU A 89 -18.33 19.90 7.07
CA GLU A 89 -17.67 18.82 7.81
C GLU A 89 -18.63 17.79 8.38
N ASP A 90 -19.94 18.05 8.37
CA ASP A 90 -20.92 17.08 8.86
C ASP A 90 -21.41 16.14 7.78
N THR A 91 -20.94 16.31 6.55
CA THR A 91 -21.23 15.35 5.48
C THR A 91 -20.70 13.98 5.87
N ALA A 92 -21.60 13.02 6.04
CA ALA A 92 -21.21 11.76 6.66
C ALA A 92 -22.33 10.75 6.44
N LEU A 93 -21.98 9.48 6.64
CA LEU A 93 -22.95 8.42 6.81
C LEU A 93 -23.29 8.36 8.30
N TYR A 94 -24.58 8.39 8.60
CA TYR A 94 -25.05 8.35 9.98
C TYR A 94 -25.76 7.02 10.20
N TYR A 95 -25.31 6.27 11.20
CA TYR A 95 -25.92 5.01 11.55
C TYR A 95 -26.68 5.13 12.87
N CYS A 96 -27.84 4.50 12.95
CA CYS A 96 -28.42 4.21 14.24
C CYS A 96 -28.12 2.77 14.59
N ALA A 97 -28.08 2.47 15.89
CA ALA A 97 -27.71 1.15 16.33
C ALA A 97 -28.19 0.96 17.76
N ILE A 98 -28.53 -0.28 18.10
CA ILE A 98 -28.84 -0.62 19.48
C ILE A 98 -27.50 -0.89 20.16
N LEU A 99 -26.99 0.11 20.88
CA LEU A 99 -25.66 0.06 21.48
C LEU A 99 -25.75 0.76 22.82
N GLY A 100 -25.69 0.01 23.90
CA GLY A 100 -25.68 0.57 25.23
C GLY A 100 -24.30 0.49 25.87
N THR A 101 -24.23 1.06 27.07
CA THR A 101 -23.00 1.15 27.83
C THR A 101 -23.24 0.62 29.24
N PHE A 102 -22.17 0.09 29.83
CA PHE A 102 -22.25 -0.40 31.20
C PHE A 102 -22.56 0.72 32.19
N ASN A 103 -21.92 1.89 32.05
CA ASN A 103 -22.06 2.93 33.08
C ASN A 103 -23.44 3.58 33.04
N TRP A 104 -24.04 3.68 31.85
CA TRP A 104 -25.46 3.96 31.74
C TRP A 104 -26.19 2.61 31.84
N LYS A 105 -27.52 2.61 31.97
CA LYS A 105 -28.21 1.34 32.19
C LYS A 105 -28.54 0.71 30.84
N SER A 106 -27.82 -0.37 30.51
CA SER A 106 -27.92 -0.98 29.19
C SER A 106 -29.24 -1.71 29.00
N GLY A 107 -29.80 -2.25 30.08
CA GLY A 107 -30.75 -3.32 29.94
C GLY A 107 -30.18 -4.60 29.37
N GLY A 108 -28.86 -4.71 29.28
CA GLY A 108 -28.22 -5.87 28.71
C GLY A 108 -28.03 -5.82 27.20
N ASN A 109 -28.47 -4.74 26.56
CA ASN A 109 -28.48 -4.63 25.10
C ASN A 109 -27.29 -3.82 24.60
N TYR A 110 -26.10 -4.35 24.87
CA TYR A 110 -24.88 -3.72 24.38
C TYR A 110 -24.72 -3.91 22.89
N PHE A 111 -25.24 -5.01 22.37
CA PHE A 111 -25.18 -5.34 20.96
C PHE A 111 -26.61 -5.43 20.46
N GLY A 112 -26.84 -4.87 19.29
CA GLY A 112 -28.11 -5.01 18.61
C GLY A 112 -27.84 -4.77 17.14
N PRO A 113 -28.87 -4.86 16.31
CA PRO A 113 -28.68 -4.56 14.90
C PRO A 113 -28.23 -3.11 14.70
N TRP A 114 -27.69 -2.87 13.52
CA TRP A 114 -27.37 -1.54 13.03
C TRP A 114 -28.33 -1.22 11.90
N GLY A 115 -28.66 0.05 11.74
CA GLY A 115 -29.41 0.46 10.58
C GLY A 115 -28.51 0.45 9.34
N GLN A 116 -29.11 0.72 8.18
CA GLN A 116 -28.36 0.62 6.94
C GLN A 116 -27.51 1.86 6.67
N GLY A 117 -27.65 2.92 7.45
CA GLY A 117 -26.91 4.14 7.18
C GLY A 117 -27.71 5.17 6.41
N THR A 118 -27.50 6.44 6.72
CA THR A 118 -28.14 7.55 6.03
C THR A 118 -27.03 8.52 5.63
N LEU A 119 -26.86 8.73 4.33
CA LEU A 119 -25.88 9.69 3.86
C LEU A 119 -26.48 11.08 3.92
N VAL A 120 -25.88 11.96 4.71
CA VAL A 120 -26.29 13.35 4.79
C VAL A 120 -25.20 14.18 4.13
N THR A 121 -25.57 14.92 3.08
CA THR A 121 -24.64 15.81 2.40
C THR A 121 -25.01 17.24 2.74
N VAL A 122 -24.04 18.02 3.17
CA VAL A 122 -24.24 19.41 3.56
C VAL A 122 -23.62 20.26 2.47
N SER A 123 -24.45 20.95 1.70
CA SER A 123 -24.01 21.67 0.51
C SER A 123 -25.04 22.70 0.10
N SER A 124 -24.56 23.79 -0.51
CA SER A 124 -25.43 24.79 -1.14
C SER A 124 -25.87 24.39 -2.53
N ALA A 125 -25.20 23.43 -3.16
CA ALA A 125 -25.58 22.99 -4.50
C ALA A 125 -26.97 22.35 -4.47
N SER A 126 -27.71 22.55 -5.55
CA SER A 126 -29.08 22.05 -5.62
C SER A 126 -29.09 20.61 -6.12
N THR A 127 -30.17 19.90 -5.77
CA THR A 127 -30.36 18.53 -6.20
C THR A 127 -30.53 18.45 -7.70
N LYS A 128 -29.77 17.54 -8.32
CA LYS A 128 -29.83 17.31 -9.78
C LYS A 128 -29.83 15.82 -10.08
N GLY A 129 -30.80 15.38 -10.88
CA GLY A 129 -30.91 13.97 -11.28
C GLY A 129 -29.88 13.56 -12.32
N PRO A 130 -29.55 12.25 -12.40
CA PRO A 130 -28.54 11.77 -13.33
C PRO A 130 -28.93 11.80 -14.83
N SER A 131 -27.95 12.01 -15.71
CA SER A 131 -28.06 11.53 -17.08
C SER A 131 -27.43 10.13 -17.14
N VAL A 132 -28.12 9.21 -17.81
CA VAL A 132 -27.65 7.83 -17.88
C VAL A 132 -27.35 7.52 -19.35
N PHE A 133 -26.08 7.21 -19.63
CA PHE A 133 -25.63 6.94 -20.98
C PHE A 133 -25.11 5.51 -21.09
N PRO A 134 -25.34 4.84 -22.22
CA PRO A 134 -24.88 3.46 -22.35
C PRO A 134 -23.38 3.39 -22.62
N LEU A 135 -22.75 2.35 -22.09
CA LEU A 135 -21.38 1.98 -22.45
C LEU A 135 -21.49 0.72 -23.30
N ALA A 136 -21.59 0.91 -24.60
CA ALA A 136 -21.97 -0.18 -25.50
C ALA A 136 -20.82 -1.16 -25.69
N PRO A 137 -21.08 -2.46 -25.61
CA PRO A 137 -20.03 -3.45 -25.91
C PRO A 137 -19.70 -3.46 -27.39
N SER A 138 -18.47 -3.85 -27.70
CA SER A 138 -17.96 -3.84 -29.06
C SER A 138 -16.67 -4.66 -29.10
N SER A 139 -16.09 -4.76 -30.29
CA SER A 139 -14.81 -5.44 -30.46
C SER A 139 -13.74 -4.88 -29.52
N LYS A 140 -13.88 -3.64 -29.06
CA LYS A 140 -12.91 -3.01 -28.16
C LYS A 140 -13.18 -3.29 -26.71
N SER A 141 -14.23 -4.03 -26.42
CA SER A 141 -14.58 -4.32 -25.04
C SER A 141 -14.85 -5.80 -24.86
N THR A 142 -14.32 -6.64 -25.76
CA THR A 142 -14.38 -8.08 -25.60
C THR A 142 -12.98 -8.64 -25.51
N SER A 143 -12.85 -9.73 -24.76
CA SER A 143 -11.60 -10.47 -24.63
C SER A 143 -11.99 -11.94 -24.73
N GLY A 144 -12.11 -12.42 -25.96
CA GLY A 144 -12.52 -13.81 -26.15
C GLY A 144 -13.94 -14.03 -25.69
N GLY A 145 -14.14 -15.01 -24.81
CA GLY A 145 -15.47 -15.31 -24.30
C GLY A 145 -16.02 -14.32 -23.28
N THR A 146 -15.30 -13.23 -23.01
CA THR A 146 -15.71 -12.24 -22.03
C THR A 146 -15.93 -10.90 -22.72
N ALA A 147 -17.11 -10.32 -22.50
CA ALA A 147 -17.43 -9.00 -23.03
C ALA A 147 -17.86 -8.09 -21.87
N ALA A 148 -17.47 -6.82 -21.95
CA ALA A 148 -17.83 -5.84 -20.94
C ALA A 148 -18.77 -4.80 -21.54
N LEU A 149 -19.75 -4.38 -20.74
CA LEU A 149 -20.70 -3.34 -21.10
C LEU A 149 -21.05 -2.60 -19.81
N GLY A 150 -21.73 -1.47 -19.93
CA GLY A 150 -22.01 -0.72 -18.72
C GLY A 150 -22.90 0.48 -18.96
N CYS A 151 -22.96 1.31 -17.92
CA CYS A 151 -23.73 2.55 -17.94
C CYS A 151 -22.90 3.66 -17.31
N LEU A 152 -22.96 4.82 -17.92
CA LEU A 152 -22.32 6.02 -17.41
C LEU A 152 -23.40 6.87 -16.76
N VAL A 153 -23.34 6.99 -15.44
CA VAL A 153 -24.31 7.79 -14.64
C VAL A 153 -23.65 9.12 -14.37
N LYS A 154 -24.15 10.19 -14.99
CA LYS A 154 -23.42 11.48 -14.91
C LYS A 154 -24.27 12.68 -14.49
N ASP A 155 -23.61 13.74 -14.02
CA ASP A 155 -24.26 15.03 -13.69
C ASP A 155 -25.35 14.91 -12.62
N TYR A 156 -25.06 14.24 -11.52
CA TYR A 156 -26.04 14.12 -10.42
C TYR A 156 -25.50 14.75 -9.13
N PHE A 157 -26.44 15.14 -8.26
CA PHE A 157 -26.12 15.63 -6.94
C PHE A 157 -27.37 15.52 -6.07
N PRO A 158 -27.25 15.03 -4.84
CA PRO A 158 -26.03 14.52 -4.23
C PRO A 158 -25.86 13.02 -4.42
N GLU A 159 -24.90 12.44 -3.71
CA GLU A 159 -24.83 11.01 -3.56
C GLU A 159 -25.96 10.53 -2.66
N PRO A 160 -26.41 9.28 -2.81
CA PRO A 160 -25.92 8.28 -3.77
C PRO A 160 -26.89 7.96 -4.89
N VAL A 161 -26.37 7.35 -5.95
CA VAL A 161 -27.19 6.63 -6.89
C VAL A 161 -27.03 5.16 -6.59
N THR A 162 -28.07 4.39 -6.88
CA THR A 162 -27.97 2.95 -6.85
C THR A 162 -28.14 2.42 -8.26
N VAL A 163 -27.33 1.45 -8.62
CA VAL A 163 -27.40 0.81 -9.93
C VAL A 163 -27.60 -0.67 -9.73
N SER A 164 -28.64 -1.21 -10.35
CA SER A 164 -28.81 -2.65 -10.50
C SER A 164 -28.86 -2.99 -11.99
N TRP A 165 -28.70 -4.27 -12.30
CA TRP A 165 -28.74 -4.75 -13.68
C TRP A 165 -29.85 -5.76 -13.81
N ASN A 166 -30.63 -5.66 -14.89
CA ASN A 166 -31.80 -6.51 -15.13
C ASN A 166 -32.67 -6.59 -13.88
N SER A 167 -32.86 -5.46 -13.20
CA SER A 167 -33.69 -5.36 -12.00
C SER A 167 -33.23 -6.33 -10.91
N GLY A 168 -31.92 -6.43 -10.72
CA GLY A 168 -31.37 -7.31 -9.71
C GLY A 168 -31.13 -8.74 -10.14
N ALA A 169 -31.45 -9.10 -11.38
CA ALA A 169 -31.25 -10.48 -11.82
C ALA A 169 -29.79 -10.77 -12.14
N LEU A 170 -29.02 -9.76 -12.48
CA LEU A 170 -27.61 -9.92 -12.85
C LEU A 170 -26.75 -9.34 -11.73
N THR A 171 -25.98 -10.20 -11.07
CA THR A 171 -25.10 -9.75 -10.00
C THR A 171 -23.65 -10.15 -10.23
N SER A 172 -23.41 -11.36 -10.75
CA SER A 172 -22.05 -11.79 -11.02
C SER A 172 -21.41 -10.91 -12.08
N GLY A 173 -20.19 -10.47 -11.82
CA GLY A 173 -19.45 -9.67 -12.76
C GLY A 173 -19.77 -8.19 -12.72
N VAL A 174 -20.64 -7.75 -11.82
CA VAL A 174 -21.01 -6.35 -11.73
C VAL A 174 -19.96 -5.60 -10.93
N HIS A 175 -19.52 -4.46 -11.44
CA HIS A 175 -18.69 -3.52 -10.71
C HIS A 175 -19.28 -2.13 -10.84
N THR A 176 -19.66 -1.53 -9.73
CA THR A 176 -20.15 -0.16 -9.70
C THR A 176 -19.12 0.70 -9.01
N PHE A 177 -18.57 1.65 -9.73
CA PHE A 177 -17.43 2.37 -9.18
C PHE A 177 -17.89 3.44 -8.19
N PRO A 178 -17.04 3.78 -7.22
CA PRO A 178 -17.31 4.94 -6.38
C PRO A 178 -17.50 6.17 -7.25
N ALA A 179 -18.46 7.00 -6.86
CA ALA A 179 -18.67 8.26 -7.57
C ALA A 179 -17.43 9.13 -7.44
N VAL A 180 -17.20 9.96 -8.44
CA VAL A 180 -16.15 10.97 -8.40
C VAL A 180 -16.81 12.33 -8.58
N LEU A 181 -16.35 13.29 -7.78
CA LEU A 181 -16.83 14.67 -7.90
C LEU A 181 -16.15 15.33 -9.10
N GLN A 182 -16.95 15.75 -10.08
CA GLN A 182 -16.42 16.38 -11.32
C GLN A 182 -16.07 17.85 -11.06
N SER A 183 -15.32 18.47 -11.98
CA SER A 183 -14.91 19.87 -11.89
C SER A 183 -16.12 20.81 -11.79
N SER A 184 -17.28 20.30 -12.19
CA SER A 184 -18.59 21.00 -12.25
C SER A 184 -19.26 21.06 -10.87
N GLY A 185 -18.78 20.30 -9.89
CA GLY A 185 -19.49 20.15 -8.63
C GLY A 185 -20.50 19.03 -8.60
N LEU A 186 -20.69 18.39 -9.75
CA LEU A 186 -21.62 17.25 -9.85
C LEU A 186 -20.85 15.93 -9.79
N TYR A 187 -21.57 14.86 -9.48
CA TYR A 187 -20.93 13.53 -9.36
C TYR A 187 -21.13 12.72 -10.63
N SER A 188 -20.20 11.82 -10.89
CA SER A 188 -20.30 10.90 -12.04
C SER A 188 -19.77 9.54 -11.59
N LEU A 189 -20.42 8.46 -12.03
CA LEU A 189 -19.88 7.14 -11.84
C LEU A 189 -20.25 6.29 -13.05
N SER A 190 -19.56 5.15 -13.18
CA SER A 190 -19.94 4.15 -14.16
C SER A 190 -20.21 2.84 -13.45
N SER A 191 -21.11 2.05 -14.02
CA SER A 191 -21.33 0.68 -13.58
C SER A 191 -21.07 -0.24 -14.76
N VAL A 192 -20.23 -1.24 -14.55
CA VAL A 192 -19.87 -2.14 -15.64
C VAL A 192 -20.21 -3.56 -15.21
N VAL A 193 -20.39 -4.41 -16.21
CA VAL A 193 -20.66 -5.83 -15.97
C VAL A 193 -20.01 -6.62 -17.09
N THR A 194 -19.31 -7.70 -16.73
CA THR A 194 -18.75 -8.61 -17.71
C THR A 194 -19.66 -9.82 -17.86
N VAL A 195 -19.98 -10.14 -19.10
CA VAL A 195 -20.95 -11.18 -19.43
C VAL A 195 -20.37 -12.03 -20.53
N PRO A 196 -20.95 -13.20 -20.81
CA PRO A 196 -20.41 -14.02 -21.91
C PRO A 196 -20.59 -13.29 -23.23
N SER A 197 -19.51 -13.22 -24.01
CA SER A 197 -19.58 -12.52 -25.28
C SER A 197 -20.57 -13.16 -26.23
N SER A 198 -20.86 -14.46 -26.04
CA SER A 198 -21.83 -15.15 -26.88
C SER A 198 -23.27 -14.72 -26.59
N SER A 199 -23.53 -14.13 -25.42
CA SER A 199 -24.89 -13.74 -25.07
C SER A 199 -25.31 -12.41 -25.68
N LEU A 200 -24.40 -11.74 -26.41
CA LEU A 200 -24.63 -10.34 -26.75
C LEU A 200 -25.77 -10.16 -27.75
N GLY A 201 -26.03 -11.15 -28.58
CA GLY A 201 -27.14 -11.06 -29.51
C GLY A 201 -28.42 -11.60 -28.94
N THR A 202 -28.31 -12.40 -27.87
CA THR A 202 -29.44 -13.11 -27.28
C THR A 202 -30.03 -12.38 -26.08
N GLN A 203 -29.19 -11.95 -25.15
CA GLN A 203 -29.64 -11.43 -23.87
C GLN A 203 -29.76 -9.92 -23.91
N THR A 204 -30.88 -9.39 -23.43
CA THR A 204 -31.05 -7.96 -23.23
C THR A 204 -30.49 -7.55 -21.87
N TYR A 205 -29.83 -6.39 -21.85
CA TYR A 205 -29.16 -5.89 -20.66
C TYR A 205 -29.67 -4.49 -20.35
N ILE A 206 -30.21 -4.32 -19.15
CA ILE A 206 -30.80 -3.06 -18.68
C ILE A 206 -30.10 -2.66 -17.40
N CYS A 207 -29.66 -1.42 -17.33
CA CYS A 207 -29.17 -0.87 -16.07
C CYS A 207 -30.27 -0.03 -15.45
N ASN A 208 -30.54 -0.28 -14.18
CA ASN A 208 -31.61 0.37 -13.44
C ASN A 208 -30.98 1.36 -12.47
N VAL A 209 -31.13 2.65 -12.75
CA VAL A 209 -30.49 3.69 -11.96
C VAL A 209 -31.53 4.36 -11.10
N ASN A 210 -31.29 4.38 -9.79
CA ASN A 210 -32.18 5.03 -8.84
C ASN A 210 -31.41 6.16 -8.17
N HIS A 211 -31.98 7.37 -8.21
CA HIS A 211 -31.45 8.53 -7.51
C HIS A 211 -32.57 9.12 -6.66
N LYS A 212 -32.71 8.60 -5.45
CA LYS A 212 -33.85 8.98 -4.62
C LYS A 212 -33.86 10.45 -4.20
N PRO A 213 -32.74 11.12 -3.91
CA PRO A 213 -32.82 12.56 -3.59
C PRO A 213 -33.53 13.40 -4.63
N SER A 214 -33.56 12.97 -5.89
CA SER A 214 -34.31 13.64 -6.94
C SER A 214 -35.50 12.82 -7.43
N ASN A 215 -35.74 11.66 -6.82
CA ASN A 215 -36.79 10.73 -7.24
C ASN A 215 -36.75 10.43 -8.74
N THR A 216 -35.53 10.32 -9.28
CA THR A 216 -35.34 9.95 -10.67
C THR A 216 -35.09 8.46 -10.77
N LYS A 217 -35.83 7.79 -11.64
CA LYS A 217 -35.68 6.37 -11.93
C LYS A 217 -35.49 6.25 -13.43
N VAL A 218 -34.37 5.68 -13.85
CA VAL A 218 -34.06 5.56 -15.27
C VAL A 218 -33.64 4.12 -15.54
N ASP A 219 -34.32 3.49 -16.50
CA ASP A 219 -33.91 2.19 -17.01
C ASP A 219 -33.47 2.38 -18.46
N LYS A 220 -32.22 1.99 -18.73
CA LYS A 220 -31.60 2.19 -20.03
C LYS A 220 -31.15 0.85 -20.57
N LYS A 221 -31.70 0.46 -21.73
CA LYS A 221 -31.18 -0.69 -22.45
C LYS A 221 -29.80 -0.38 -23.01
N VAL A 222 -28.85 -1.28 -22.78
CA VAL A 222 -27.49 -1.17 -23.29
C VAL A 222 -27.37 -2.16 -24.45
N GLU A 223 -27.24 -1.63 -25.67
CA GLU A 223 -27.17 -2.47 -26.86
C GLU A 223 -25.76 -2.49 -27.42
N PRO A 224 -25.37 -3.53 -28.16
CA PRO A 224 -24.09 -3.48 -28.89
C PRO A 224 -24.06 -2.31 -29.85
N LYS A 225 -22.89 -1.70 -29.99
CA LYS A 225 -22.72 -0.52 -30.84
C LYS A 225 -22.73 -0.88 -32.33
N ASP B 1 -11.96 10.42 28.18
CA ASP B 1 -12.70 9.31 27.49
C ASP B 1 -11.75 8.11 27.33
N ILE B 2 -12.29 6.91 27.20
CA ILE B 2 -11.40 5.74 26.96
C ILE B 2 -11.00 5.78 25.49
N VAL B 3 -9.70 5.93 25.24
CA VAL B 3 -9.20 6.02 23.85
C VAL B 3 -8.70 4.64 23.44
N LEU B 4 -9.19 4.16 22.30
CA LEU B 4 -8.75 2.85 21.75
C LEU B 4 -7.77 3.10 20.61
N THR B 5 -6.56 2.56 20.77
CA THR B 5 -5.53 2.70 19.72
C THR B 5 -5.37 1.33 19.04
N GLN B 6 -5.71 1.28 17.77
CA GLN B 6 -5.70 0.01 17.03
C GLN B 6 -4.39 -0.15 16.27
N SER B 7 -3.97 -1.39 16.09
CA SER B 7 -2.74 -1.71 15.35
C SER B 7 -3.00 -2.99 14.53
N PRO B 8 -2.55 -3.03 13.23
CA PRO B 8 -1.99 -1.90 12.49
C PRO B 8 -3.06 -1.01 11.83
N ASP B 9 -2.66 -0.01 11.05
CA ASP B 9 -3.65 0.76 10.31
C ASP B 9 -4.07 0.03 9.04
N SER B 10 -3.14 -0.66 8.40
CA SER B 10 -3.40 -1.39 7.18
C SER B 10 -2.61 -2.69 7.19
N LEU B 11 -3.14 -3.72 6.54
CA LEU B 11 -2.56 -5.06 6.54
C LEU B 11 -2.80 -5.69 5.17
N ALA B 12 -1.77 -6.30 4.58
CA ALA B 12 -1.95 -7.12 3.39
C ALA B 12 -1.38 -8.50 3.64
N ALA B 13 -2.22 -9.53 3.49
CA ALA B 13 -1.82 -10.88 3.78
C ALA B 13 -2.44 -11.83 2.78
N SER B 14 -1.67 -12.84 2.40
CA SER B 14 -2.11 -13.83 1.45
C SER B 14 -3.23 -14.70 2.04
N LEU B 15 -4.03 -15.26 1.15
CA LEU B 15 -4.99 -16.34 1.49
C LEU B 15 -4.33 -17.48 2.28
N GLY B 16 -4.94 -17.91 3.38
CA GLY B 16 -4.43 -19.00 4.22
C GLY B 16 -3.49 -18.55 5.32
N GLU B 17 -3.08 -17.28 5.28
CA GLU B 17 -2.22 -16.70 6.32
C GLU B 17 -3.05 -16.25 7.52
N ARG B 18 -2.37 -16.00 8.64
CA ARG B 18 -3.06 -15.52 9.87
C ARG B 18 -2.89 -14.00 9.93
N ALA B 19 -3.99 -13.30 10.12
CA ALA B 19 -3.99 -11.86 10.37
C ALA B 19 -4.21 -11.58 11.86
N THR B 20 -3.41 -10.66 12.42
CA THR B 20 -3.50 -10.28 13.82
C THR B 20 -3.72 -8.78 13.90
N ILE B 21 -4.81 -8.40 14.55
CA ILE B 21 -5.16 -6.98 14.78
C ILE B 21 -5.19 -6.74 16.29
N SER B 22 -4.59 -5.65 16.71
CA SER B 22 -4.46 -5.35 18.15
C SER B 22 -5.14 -4.03 18.54
N CYS B 23 -5.66 -3.96 19.76
CA CYS B 23 -6.26 -2.71 20.28
C CYS B 23 -5.78 -2.48 21.72
N LYS B 24 -5.34 -1.26 22.03
CA LYS B 24 -4.94 -0.88 23.41
C LYS B 24 -5.86 0.22 23.91
N SER B 25 -6.43 0.04 25.10
CA SER B 25 -7.34 1.03 25.72
C SER B 25 -6.55 1.86 26.73
N SER B 26 -6.81 3.17 26.78
CA SER B 26 -6.14 4.01 27.75
C SER B 26 -6.58 3.72 29.18
N HIS B 27 -7.69 3.03 29.36
CA HIS B 27 -8.18 2.61 30.68
C HIS B 27 -8.72 1.19 30.57
N SER B 28 -8.67 0.47 31.67
CA SER B 28 -9.18 -0.89 31.69
C SER B 28 -10.68 -0.91 31.40
N VAL B 29 -11.12 -1.90 30.64
CA VAL B 29 -12.56 -2.09 30.39
C VAL B 29 -13.06 -3.35 31.09
N LEU B 30 -12.35 -3.76 32.14
CA LEU B 30 -12.66 -4.96 32.90
C LEU B 30 -13.55 -4.63 34.11
N TYR B 31 -14.69 -5.31 34.20
CA TYR B 31 -15.57 -5.24 35.37
C TYR B 31 -15.11 -6.27 36.39
N SER B 32 -14.73 -5.82 37.59
CA SER B 32 -14.06 -6.69 38.55
C SER B 32 -14.97 -7.77 39.12
N SER B 33 -16.27 -7.51 39.18
CA SER B 33 -17.20 -8.46 39.81
C SER B 33 -17.22 -9.80 39.09
N ASN B 34 -17.55 -9.78 37.79
CA ASN B 34 -17.65 -10.99 36.99
C ASN B 34 -16.42 -11.24 36.12
N ASN B 35 -15.45 -10.32 36.14
CA ASN B 35 -14.26 -10.41 35.29
C ASN B 35 -14.63 -10.53 33.81
N LYS B 36 -15.60 -9.74 33.38
CA LYS B 36 -15.94 -9.61 31.98
C LYS B 36 -15.33 -8.33 31.42
N ASP B 37 -14.80 -8.42 30.21
CA ASP B 37 -14.25 -7.29 29.47
C ASP B 37 -15.30 -6.75 28.53
N PHE B 38 -15.64 -5.46 28.68
CA PHE B 38 -16.69 -4.84 27.88
C PHE B 38 -16.09 -4.31 26.59
N PHE B 39 -15.68 -5.24 25.73
CA PHE B 39 -14.90 -4.95 24.51
C PHE B 39 -15.44 -5.83 23.37
N ALA B 40 -15.49 -5.26 22.17
CA ALA B 40 -16.08 -5.94 21.03
C ALA B 40 -15.25 -5.67 19.78
N TRP B 41 -15.37 -6.56 18.80
CA TRP B 41 -14.75 -6.40 17.47
C TRP B 41 -15.83 -6.41 16.38
N TYR B 42 -15.73 -5.46 15.45
CA TYR B 42 -16.66 -5.35 14.33
C TYR B 42 -15.93 -5.50 13.00
N GLN B 43 -16.66 -5.97 12.00
CA GLN B 43 -16.17 -6.06 10.64
C GLN B 43 -17.08 -5.21 9.76
N GLN B 44 -16.49 -4.31 8.97
CA GLN B 44 -17.27 -3.53 8.02
C GLN B 44 -16.82 -3.84 6.59
N LYS B 45 -17.72 -4.39 5.82
CA LYS B 45 -17.47 -4.64 4.42
C LYS B 45 -17.98 -3.47 3.59
N PRO B 46 -17.48 -3.31 2.36
CA PRO B 46 -17.90 -2.16 1.55
C PRO B 46 -19.40 -2.09 1.38
N GLY B 47 -19.94 -0.89 1.57
CA GLY B 47 -21.36 -0.66 1.37
C GLY B 47 -22.28 -1.19 2.45
N GLN B 48 -21.73 -1.60 3.60
CA GLN B 48 -22.57 -2.24 4.62
C GLN B 48 -22.28 -1.64 5.99
N PRO B 49 -23.25 -1.71 6.89
CA PRO B 49 -22.97 -1.31 8.28
C PRO B 49 -21.97 -2.25 8.92
N PRO B 50 -21.28 -1.80 9.97
CA PRO B 50 -20.41 -2.71 10.71
C PRO B 50 -21.20 -3.87 11.27
N LYS B 51 -20.57 -5.04 11.28
CA LYS B 51 -21.19 -6.27 11.75
C LYS B 51 -20.39 -6.78 12.94
N LEU B 52 -21.09 -7.11 14.02
CA LEU B 52 -20.43 -7.57 15.25
C LEU B 52 -19.80 -8.95 15.04
N LEU B 53 -18.51 -9.08 15.32
CA LEU B 53 -17.85 -10.38 15.22
C LEU B 53 -17.66 -11.04 16.58
N ILE B 54 -17.21 -10.27 17.55
CA ILE B 54 -16.75 -10.75 18.86
C ILE B 54 -17.28 -9.80 19.91
N SER B 55 -17.90 -10.35 20.95
CA SER B 55 -18.33 -9.60 22.12
C SER B 55 -17.58 -10.11 23.35
N TRP B 56 -17.54 -9.27 24.38
CA TRP B 56 -16.91 -9.63 25.66
C TRP B 56 -15.46 -10.07 25.49
N ALA B 57 -14.76 -9.41 24.55
CA ALA B 57 -13.35 -9.67 24.24
C ALA B 57 -13.12 -10.98 23.49
N SER B 58 -13.86 -12.05 23.83
CA SER B 58 -13.54 -13.34 23.24
C SER B 58 -14.76 -14.20 22.88
N THR B 59 -15.98 -13.68 22.94
CA THR B 59 -17.16 -14.47 22.62
C THR B 59 -17.53 -14.24 21.16
N ARG B 60 -17.54 -15.31 20.38
CA ARG B 60 -17.84 -15.24 18.96
C ARG B 60 -19.35 -15.23 18.75
N GLU B 61 -19.82 -14.32 17.89
CA GLU B 61 -21.24 -14.25 17.60
C GLU B 61 -21.66 -15.35 16.62
N SER B 62 -22.93 -15.73 16.67
CA SER B 62 -23.44 -16.77 15.80
C SER B 62 -23.29 -16.38 14.34
N GLY B 63 -22.99 -17.37 13.50
CA GLY B 63 -22.71 -17.13 12.11
C GLY B 63 -21.30 -16.68 11.80
N VAL B 64 -20.53 -16.25 12.79
CA VAL B 64 -19.13 -15.86 12.56
C VAL B 64 -18.29 -17.13 12.44
N PRO B 65 -17.45 -17.25 11.42
CA PRO B 65 -16.63 -18.48 11.32
C PRO B 65 -15.67 -18.64 12.48
N VAL B 66 -15.32 -19.87 12.81
CA VAL B 66 -14.39 -20.24 13.93
C VAL B 66 -12.96 -19.73 13.67
N ARG B 67 -12.65 -19.30 12.46
CA ARG B 67 -11.32 -18.72 12.12
C ARG B 67 -11.13 -17.41 12.89
N PHE B 68 -12.23 -16.77 13.24
CA PHE B 68 -12.21 -15.49 13.99
C PHE B 68 -12.06 -15.77 15.49
N ASN B 69 -11.04 -15.17 16.11
CA ASN B 69 -10.85 -15.36 17.54
C ASN B 69 -10.42 -14.06 18.19
N GLY B 70 -11.01 -13.76 19.35
CA GLY B 70 -10.65 -12.58 20.11
C GLY B 70 -10.02 -12.98 21.43
N GLY B 71 -9.05 -12.17 21.87
CA GLY B 71 -8.38 -12.46 23.13
C GLY B 71 -7.92 -11.20 23.82
N GLY B 72 -7.33 -11.40 25.00
CA GLY B 72 -6.80 -10.32 25.81
C GLY B 72 -7.78 -9.92 26.91
N SER B 73 -7.31 -8.99 27.74
CA SER B 73 -8.14 -8.53 28.86
C SER B 73 -7.58 -7.22 29.40
N GLY B 74 -8.48 -6.44 30.00
CA GLY B 74 -8.11 -5.20 30.66
C GLY B 74 -7.87 -4.05 29.70
N THR B 75 -6.66 -3.95 29.18
CA THR B 75 -6.21 -2.83 28.33
C THR B 75 -5.72 -3.32 26.97
N HIS B 76 -5.29 -4.57 26.89
CA HIS B 76 -4.71 -5.10 25.63
C HIS B 76 -5.58 -6.21 25.05
N PHE B 77 -6.01 -6.01 23.81
CA PHE B 77 -6.89 -6.98 23.12
C PHE B 77 -6.36 -7.29 21.72
N THR B 78 -6.71 -8.48 21.22
CA THR B 78 -6.27 -8.91 19.91
C THR B 78 -7.40 -9.63 19.20
N LEU B 79 -7.49 -9.41 17.90
CA LEU B 79 -8.37 -10.19 17.03
C LEU B 79 -7.47 -10.94 16.07
N THR B 80 -7.65 -12.26 16.09
CA THR B 80 -6.89 -13.19 15.23
C THR B 80 -7.79 -13.82 14.18
N ILE B 81 -7.42 -13.64 12.91
CA ILE B 81 -8.16 -14.34 11.83
C ILE B 81 -7.23 -15.43 11.33
N SER B 82 -7.65 -16.67 11.51
CA SER B 82 -6.84 -17.83 11.08
C SER B 82 -7.19 -18.16 9.62
N SER B 83 -6.20 -18.59 8.84
CA SER B 83 -6.50 -19.08 7.47
C SER B 83 -7.33 -18.10 6.63
N LEU B 84 -6.83 -16.89 6.47
CA LEU B 84 -7.59 -15.82 5.76
C LEU B 84 -8.23 -16.29 4.45
N GLN B 85 -9.45 -15.84 4.23
CA GLN B 85 -10.19 -16.16 2.98
C GLN B 85 -10.56 -14.85 2.28
N ALA B 86 -10.87 -14.93 0.99
CA ALA B 86 -11.14 -13.72 0.17
C ALA B 86 -12.23 -12.85 0.80
N GLU B 87 -13.26 -13.48 1.39
CA GLU B 87 -14.34 -12.67 1.93
C GLU B 87 -13.97 -11.96 3.23
N ASP B 88 -12.74 -12.10 3.74
CA ASP B 88 -12.34 -11.37 4.94
C ASP B 88 -11.91 -9.93 4.66
N VAL B 89 -11.86 -9.52 3.39
CA VAL B 89 -11.50 -8.13 3.09
C VAL B 89 -12.56 -7.21 3.68
N ALA B 90 -12.10 -6.24 4.46
CA ALA B 90 -13.00 -5.39 5.24
C ALA B 90 -12.12 -4.43 6.04
N VAL B 91 -12.79 -3.49 6.70
CA VAL B 91 -12.18 -2.71 7.78
C VAL B 91 -12.68 -3.27 9.10
N TYR B 92 -11.76 -3.50 10.02
CA TYR B 92 -12.04 -4.04 11.34
C TYR B 92 -11.92 -2.94 12.38
N TYR B 93 -12.87 -2.89 13.30
CA TYR B 93 -12.94 -1.87 14.34
C TYR B 93 -13.08 -2.56 15.70
N CYS B 94 -12.26 -2.13 16.64
CA CYS B 94 -12.47 -2.38 18.09
C CYS B 94 -13.50 -1.40 18.66
N GLN B 95 -14.20 -1.82 19.71
CA GLN B 95 -15.16 -0.94 20.38
C GLN B 95 -15.20 -1.27 21.86
N GLN B 96 -15.31 -0.22 22.68
CA GLN B 96 -15.46 -0.31 24.13
C GLN B 96 -16.89 0.11 24.49
N TYR B 97 -17.57 -0.68 25.33
CA TYR B 97 -18.89 -0.30 25.81
C TYR B 97 -18.93 -0.33 27.33
N PHE B 98 -17.79 -0.09 27.96
CA PHE B 98 -17.67 -0.05 29.41
C PHE B 98 -18.19 1.27 29.96
N SER B 99 -17.75 2.39 29.38
CA SER B 99 -18.00 3.71 29.92
C SER B 99 -18.35 4.66 28.78
N SER B 100 -19.37 5.49 29.00
CA SER B 100 -19.70 6.51 28.01
C SER B 100 -18.66 7.61 28.03
N PRO B 101 -18.33 8.22 26.88
CA PRO B 101 -18.86 7.88 25.57
C PRO B 101 -18.30 6.57 25.03
N ILE B 102 -19.14 5.81 24.33
CA ILE B 102 -18.65 4.68 23.57
C ILE B 102 -17.56 5.18 22.63
N THR B 103 -16.49 4.39 22.49
CA THR B 103 -15.41 4.76 21.58
C THR B 103 -15.06 3.58 20.69
N PHE B 104 -14.58 3.89 19.51
CA PHE B 104 -14.11 2.89 18.56
C PHE B 104 -12.63 3.12 18.25
N GLY B 105 -11.92 2.05 17.94
CA GLY B 105 -10.62 2.20 17.33
C GLY B 105 -10.72 2.89 15.99
N GLN B 106 -9.57 3.24 15.42
CA GLN B 106 -9.59 4.03 14.21
C GLN B 106 -9.80 3.17 12.97
N GLY B 107 -9.81 1.85 13.10
CA GLY B 107 -10.01 0.99 11.95
C GLY B 107 -8.72 0.38 11.45
N THR B 108 -8.79 -0.89 11.07
CA THR B 108 -7.69 -1.58 10.40
C THR B 108 -8.20 -2.09 9.07
N ARG B 109 -7.60 -1.63 7.98
CA ARG B 109 -7.97 -2.08 6.65
C ARG B 109 -7.23 -3.36 6.33
N LEU B 110 -7.97 -4.41 5.98
CA LEU B 110 -7.37 -5.70 5.64
C LEU B 110 -7.48 -5.89 4.14
N GLU B 111 -6.33 -6.08 3.49
CA GLU B 111 -6.26 -6.36 2.06
C GLU B 111 -5.80 -7.80 1.90
N ILE B 112 -6.36 -8.49 0.92
CA ILE B 112 -5.90 -9.83 0.58
C ILE B 112 -4.81 -9.72 -0.50
N LYS B 113 -3.66 -10.30 -0.24
CA LYS B 113 -2.59 -10.39 -1.22
C LYS B 113 -2.75 -11.69 -2.00
N ARG B 114 -3.08 -11.58 -3.28
CA ARG B 114 -3.16 -12.74 -4.17
C ARG B 114 -2.07 -12.65 -5.22
N THR B 115 -2.06 -13.64 -6.12
CA THR B 115 -1.10 -13.62 -7.21
C THR B 115 -1.40 -12.47 -8.16
N VAL B 116 -0.33 -11.94 -8.76
CA VAL B 116 -0.46 -10.85 -9.70
C VAL B 116 -1.41 -11.26 -10.82
N ALA B 117 -2.35 -10.38 -11.15
CA ALA B 117 -3.28 -10.61 -12.24
C ALA B 117 -3.31 -9.36 -13.11
N ALA B 118 -3.02 -9.51 -14.39
CA ALA B 118 -3.06 -8.40 -15.32
C ALA B 118 -4.50 -7.98 -15.60
N PRO B 119 -4.75 -6.69 -15.81
CA PRO B 119 -6.11 -6.26 -16.16
C PRO B 119 -6.46 -6.64 -17.58
N SER B 120 -7.72 -6.98 -17.78
CA SER B 120 -8.31 -6.91 -19.11
C SER B 120 -8.70 -5.46 -19.36
N VAL B 121 -8.22 -4.89 -20.47
CA VAL B 121 -8.42 -3.48 -20.76
C VAL B 121 -9.53 -3.36 -21.79
N PHE B 122 -10.53 -2.56 -21.48
CA PHE B 122 -11.66 -2.33 -22.37
C PHE B 122 -11.84 -0.82 -22.53
N ILE B 123 -12.29 -0.41 -23.71
CA ILE B 123 -12.53 1.00 -23.96
C ILE B 123 -13.91 1.18 -24.56
N PHE B 124 -14.52 2.34 -24.29
CA PHE B 124 -15.89 2.63 -24.71
C PHE B 124 -15.95 4.04 -25.28
N PRO B 125 -16.34 4.21 -26.54
CA PRO B 125 -16.56 5.54 -27.10
C PRO B 125 -17.76 6.21 -26.44
N PRO B 126 -17.88 7.53 -26.60
CA PRO B 126 -19.08 8.22 -26.10
C PRO B 126 -20.32 7.77 -26.83
N SER B 127 -21.42 7.74 -26.08
CA SER B 127 -22.73 7.47 -26.64
C SER B 127 -23.19 8.64 -27.49
N ASP B 128 -24.00 8.34 -28.50
CA ASP B 128 -24.54 9.42 -29.32
C ASP B 128 -25.57 10.25 -28.57
N GLU B 129 -26.25 9.68 -27.57
CA GLU B 129 -27.10 10.49 -26.69
C GLU B 129 -26.27 11.53 -25.95
N GLN B 130 -25.13 11.11 -25.38
CA GLN B 130 -24.25 12.07 -24.74
C GLN B 130 -23.75 13.09 -25.75
N LEU B 131 -23.38 12.64 -26.95
CA LEU B 131 -22.94 13.55 -28.01
C LEU B 131 -24.06 14.44 -28.49
N LYS B 132 -25.33 14.04 -28.34
CA LYS B 132 -26.42 14.93 -28.68
C LYS B 132 -26.47 16.13 -27.74
N SER B 133 -25.91 16.00 -26.54
CA SER B 133 -25.54 17.19 -25.78
C SER B 133 -24.08 17.53 -26.05
N GLY B 134 -23.62 18.63 -25.47
CA GLY B 134 -22.32 19.14 -25.85
C GLY B 134 -21.10 18.46 -25.25
N THR B 135 -21.25 17.24 -24.72
CA THR B 135 -20.17 16.59 -23.99
C THR B 135 -19.88 15.19 -24.54
N ALA B 136 -18.66 14.73 -24.28
CA ALA B 136 -18.22 13.40 -24.72
C ALA B 136 -17.30 12.82 -23.65
N SER B 137 -17.70 11.70 -23.08
CA SER B 137 -16.89 10.97 -22.11
C SER B 137 -16.38 9.69 -22.76
N VAL B 138 -15.07 9.47 -22.66
CA VAL B 138 -14.44 8.24 -23.13
C VAL B 138 -14.00 7.46 -21.89
N VAL B 139 -14.38 6.19 -21.82
CA VAL B 139 -14.17 5.39 -20.62
C VAL B 139 -13.20 4.26 -20.94
N CYS B 140 -12.13 4.19 -20.17
CA CYS B 140 -11.20 3.07 -20.19
C CYS B 140 -11.44 2.22 -18.93
N LEU B 141 -11.66 0.93 -19.11
CA LEU B 141 -11.91 0.04 -17.97
C LEU B 141 -10.78 -0.97 -17.85
N LEU B 142 -10.15 -1.00 -16.69
CA LEU B 142 -9.17 -2.02 -16.32
C LEU B 142 -9.88 -2.99 -15.40
N ASN B 143 -10.09 -4.22 -15.84
CA ASN B 143 -10.97 -5.12 -15.12
C ASN B 143 -10.19 -6.23 -14.43
N ASN B 144 -10.44 -6.39 -13.13
CA ASN B 144 -10.06 -7.60 -12.38
C ASN B 144 -8.54 -7.80 -12.33
N PHE B 145 -7.84 -6.81 -11.76
CA PHE B 145 -6.38 -6.87 -11.68
C PHE B 145 -5.92 -6.85 -10.23
N TYR B 146 -4.66 -7.27 -10.04
CA TYR B 146 -3.97 -7.21 -8.77
C TYR B 146 -2.48 -7.19 -9.04
N PRO B 147 -1.68 -6.34 -8.36
CA PRO B 147 -2.08 -5.41 -7.28
C PRO B 147 -2.80 -4.15 -7.73
N ARG B 148 -3.15 -3.32 -6.76
CA ARG B 148 -3.98 -2.14 -7.01
C ARG B 148 -3.28 -1.10 -7.87
N GLU B 149 -1.95 -1.03 -7.79
CA GLU B 149 -1.19 -0.01 -8.52
C GLU B 149 -1.31 -0.22 -10.02
N ALA B 150 -1.81 0.80 -10.71
CA ALA B 150 -1.84 0.79 -12.17
C ALA B 150 -1.76 2.23 -12.64
N LYS B 151 -1.17 2.43 -13.81
CA LYS B 151 -1.06 3.76 -14.38
C LYS B 151 -1.81 3.79 -15.71
N VAL B 152 -2.70 4.76 -15.85
CA VAL B 152 -3.51 4.95 -17.04
C VAL B 152 -3.24 6.36 -17.56
N GLN B 153 -2.82 6.47 -18.81
CA GLN B 153 -2.58 7.76 -19.43
C GLN B 153 -3.42 7.83 -20.70
N TRP B 154 -4.00 9.00 -20.94
CA TRP B 154 -4.78 9.23 -22.15
C TRP B 154 -3.94 9.96 -23.18
N LYS B 155 -4.02 9.50 -24.43
CA LYS B 155 -3.42 10.21 -25.54
C LYS B 155 -4.51 10.43 -26.59
N VAL B 156 -4.57 11.64 -27.11
CA VAL B 156 -5.50 12.00 -28.18
C VAL B 156 -4.65 12.46 -29.34
N ASP B 157 -4.70 11.70 -30.44
CA ASP B 157 -3.81 11.93 -31.59
C ASP B 157 -2.36 12.03 -31.14
N ASN B 158 -1.96 11.10 -30.27
CA ASN B 158 -0.62 10.93 -29.71
C ASN B 158 -0.23 12.03 -28.71
N ALA B 159 -1.13 12.97 -28.40
CA ALA B 159 -0.82 14.04 -27.47
C ALA B 159 -1.32 13.66 -26.08
N LEU B 160 -0.42 13.69 -25.11
CA LEU B 160 -0.76 13.28 -23.76
C LEU B 160 -1.73 14.27 -23.13
N GLN B 161 -2.74 13.74 -22.46
CA GLN B 161 -3.77 14.56 -21.83
C GLN B 161 -3.46 14.73 -20.35
N SER B 162 -3.80 15.89 -19.82
CA SER B 162 -3.66 16.17 -18.41
C SER B 162 -4.81 17.06 -17.97
N GLY B 163 -5.37 16.77 -16.80
CA GLY B 163 -6.38 17.63 -16.21
C GLY B 163 -7.78 17.46 -16.74
N ASN B 164 -8.02 16.53 -17.69
CA ASN B 164 -9.35 16.30 -18.23
C ASN B 164 -9.81 14.86 -18.08
N SER B 165 -9.20 14.10 -17.17
CA SER B 165 -9.64 12.74 -16.89
C SER B 165 -9.68 12.52 -15.39
N GLN B 166 -10.46 11.50 -14.99
CA GLN B 166 -10.65 11.16 -13.59
C GLN B 166 -10.73 9.66 -13.45
N GLU B 167 -10.15 9.14 -12.37
CA GLU B 167 -10.08 7.72 -12.08
C GLU B 167 -10.96 7.37 -10.89
N SER B 168 -11.55 6.18 -10.94
CA SER B 168 -12.22 5.60 -9.80
C SER B 168 -11.81 4.13 -9.73
N VAL B 169 -11.64 3.61 -8.52
CA VAL B 169 -11.17 2.25 -8.28
C VAL B 169 -12.15 1.58 -7.32
N THR B 170 -12.53 0.34 -7.63
CA THR B 170 -13.44 -0.38 -6.73
C THR B 170 -12.70 -0.84 -5.48
N GLU B 171 -13.47 -1.20 -4.47
CA GLU B 171 -12.92 -1.95 -3.36
C GLU B 171 -12.47 -3.33 -3.83
N GLN B 172 -11.59 -3.95 -3.07
CA GLN B 172 -11.11 -5.28 -3.42
C GLN B 172 -12.29 -6.25 -3.43
N ASP B 173 -12.35 -7.08 -4.46
CA ASP B 173 -13.46 -8.02 -4.62
C ASP B 173 -13.42 -9.12 -3.56
N SER B 174 -14.59 -9.41 -2.99
CA SER B 174 -14.68 -10.34 -1.87
C SER B 174 -14.64 -11.80 -2.31
N LYS B 175 -14.59 -12.08 -3.61
CA LYS B 175 -14.51 -13.43 -4.15
C LYS B 175 -13.20 -13.74 -4.87
N ASP B 176 -12.70 -12.83 -5.70
CA ASP B 176 -11.46 -13.08 -6.44
C ASP B 176 -10.30 -12.16 -6.01
N SER B 177 -10.56 -11.23 -5.07
CA SER B 177 -9.52 -10.38 -4.48
C SER B 177 -8.86 -9.45 -5.50
N THR B 178 -9.56 -9.14 -6.60
CA THR B 178 -9.04 -8.21 -7.60
C THR B 178 -9.65 -6.83 -7.44
N TYR B 179 -9.07 -5.88 -8.16
CA TYR B 179 -9.61 -4.54 -8.29
C TYR B 179 -10.03 -4.30 -9.73
N SER B 180 -10.89 -3.31 -9.91
CA SER B 180 -11.19 -2.78 -11.22
C SER B 180 -11.05 -1.27 -11.16
N LEU B 181 -10.77 -0.66 -12.30
CA LEU B 181 -10.49 0.75 -12.35
C LEU B 181 -11.10 1.33 -13.60
N SER B 182 -11.73 2.50 -13.46
CA SER B 182 -12.24 3.23 -14.61
C SER B 182 -11.50 4.54 -14.70
N SER B 183 -11.09 4.89 -15.92
CA SER B 183 -10.55 6.21 -16.21
C SER B 183 -11.46 6.83 -17.26
N THR B 184 -11.97 8.01 -16.98
CA THR B 184 -12.93 8.69 -17.85
C THR B 184 -12.29 9.96 -18.37
N LEU B 185 -12.16 10.06 -19.69
CA LEU B 185 -11.70 11.29 -20.34
C LEU B 185 -12.93 12.06 -20.80
N THR B 186 -13.07 13.29 -20.33
CA THR B 186 -14.24 14.12 -20.64
C THR B 186 -13.82 15.28 -21.52
N LEU B 187 -14.44 15.38 -22.70
CA LEU B 187 -14.21 16.47 -23.65
C LEU B 187 -15.55 17.04 -24.09
N SER B 188 -15.54 18.29 -24.50
CA SER B 188 -16.69 18.83 -25.21
C SER B 188 -16.86 18.10 -26.54
N LYS B 189 -18.10 18.03 -27.03
CA LYS B 189 -18.33 17.42 -28.33
C LYS B 189 -17.49 18.08 -29.41
N ALA B 190 -17.36 19.41 -29.34
CA ALA B 190 -16.56 20.14 -30.30
C ALA B 190 -15.13 19.61 -30.36
N ASP B 191 -14.49 19.45 -29.20
CA ASP B 191 -13.11 18.97 -29.16
C ASP B 191 -13.02 17.51 -29.56
N TYR B 192 -14.02 16.71 -29.20
CA TYR B 192 -14.00 15.29 -29.55
C TYR B 192 -14.01 15.09 -31.06
N GLU B 193 -14.76 15.93 -31.77
CA GLU B 193 -14.86 15.78 -33.22
C GLU B 193 -13.65 16.33 -33.97
N LYS B 194 -12.76 17.07 -33.29
CA LYS B 194 -11.55 17.53 -33.94
C LYS B 194 -10.50 16.45 -34.08
N HIS B 195 -10.62 15.35 -33.34
CA HIS B 195 -9.56 14.35 -33.26
C HIS B 195 -10.09 12.97 -33.63
N LYS B 196 -9.17 12.09 -34.04
CA LYS B 196 -9.52 10.78 -34.55
C LYS B 196 -9.20 9.64 -33.59
N VAL B 197 -8.00 9.63 -33.02
CA VAL B 197 -7.49 8.47 -32.29
C VAL B 197 -7.49 8.79 -30.80
N TYR B 198 -8.27 8.01 -30.05
CA TYR B 198 -8.35 8.13 -28.59
C TYR B 198 -7.76 6.87 -27.97
N ALA B 199 -6.69 7.04 -27.20
CA ALA B 199 -5.91 5.91 -26.71
C ALA B 199 -5.76 5.99 -25.20
N CYS B 200 -5.93 4.84 -24.57
CA CYS B 200 -5.69 4.60 -23.16
C CYS B 200 -4.45 3.72 -23.06
N GLU B 201 -3.41 4.22 -22.40
CA GLU B 201 -2.18 3.45 -22.23
C GLU B 201 -2.08 2.97 -20.78
N VAL B 202 -1.97 1.66 -20.60
CA VAL B 202 -2.06 1.03 -19.29
C VAL B 202 -0.73 0.38 -18.98
N THR B 203 -0.19 0.70 -17.80
CA THR B 203 1.02 0.07 -17.31
C THR B 203 0.69 -0.59 -15.98
N HIS B 204 1.05 -1.86 -15.84
CA HIS B 204 0.72 -2.61 -14.64
C HIS B 204 1.70 -3.77 -14.52
N GLN B 205 2.01 -4.13 -13.28
CA GLN B 205 3.00 -5.16 -13.00
C GLN B 205 2.69 -6.48 -13.73
N GLY B 206 1.42 -6.77 -13.98
CA GLY B 206 1.07 -8.03 -14.61
C GLY B 206 1.16 -8.06 -16.12
N LEU B 207 1.52 -6.94 -16.76
CA LEU B 207 1.57 -6.85 -18.21
C LEU B 207 3.00 -7.03 -18.71
N SER B 208 3.14 -7.83 -19.77
CA SER B 208 4.43 -8.01 -20.43
C SER B 208 5.08 -6.68 -20.78
N SER B 209 4.28 -5.69 -21.15
CA SER B 209 4.75 -4.34 -21.43
C SER B 209 3.56 -3.41 -21.36
N PRO B 210 3.78 -2.08 -21.38
CA PRO B 210 2.63 -1.15 -21.45
C PRO B 210 1.66 -1.54 -22.56
N VAL B 211 0.41 -1.80 -22.22
CA VAL B 211 -0.59 -2.15 -23.22
C VAL B 211 -1.38 -0.89 -23.53
N THR B 212 -1.84 -0.74 -24.77
CA THR B 212 -2.65 0.43 -25.10
C THR B 212 -3.86 0.01 -25.90
N LYS B 213 -5.02 0.51 -25.48
CA LYS B 213 -6.27 0.26 -26.16
C LYS B 213 -6.77 1.60 -26.67
N SER B 214 -7.25 1.60 -27.90
CA SER B 214 -7.64 2.84 -28.57
C SER B 214 -8.88 2.58 -29.41
N PHE B 215 -9.34 3.63 -30.06
CA PHE B 215 -10.38 3.51 -31.07
C PHE B 215 -10.31 4.73 -31.97
N ASN B 216 -10.74 4.55 -33.20
CA ASN B 216 -10.82 5.63 -34.17
C ASN B 216 -12.26 6.11 -34.24
N ARG B 217 -12.45 7.40 -34.02
CA ARG B 217 -13.78 8.02 -34.05
C ARG B 217 -14.43 7.90 -35.43
N VAL C 2 34.84 -10.95 15.25
CA VAL C 2 34.72 -11.67 13.98
C VAL C 2 33.97 -10.82 12.97
N GLN C 3 34.57 -10.61 11.80
CA GLN C 3 33.95 -9.80 10.76
C GLN C 3 34.11 -10.49 9.41
N LEU C 4 33.05 -10.46 8.62
CA LEU C 4 33.03 -11.08 7.30
C LEU C 4 33.08 -9.98 6.25
N VAL C 5 34.11 -10.00 5.41
CA VAL C 5 34.28 -9.01 4.35
C VAL C 5 34.27 -9.74 3.02
N GLN C 6 33.32 -9.39 2.17
CA GLN C 6 33.15 -10.02 0.87
C GLN C 6 33.78 -9.18 -0.23
N SER C 7 34.17 -9.85 -1.31
CA SER C 7 34.66 -9.18 -2.50
C SER C 7 33.56 -8.30 -3.11
N GLY C 8 33.96 -7.42 -4.03
CA GLY C 8 33.07 -6.41 -4.56
C GLY C 8 32.19 -6.91 -5.70
N ALA C 9 31.16 -6.11 -5.98
CA ALA C 9 30.22 -6.42 -7.05
C ALA C 9 30.94 -6.62 -8.39
N GLU C 10 30.29 -7.37 -9.28
CA GLU C 10 30.91 -7.75 -10.53
C GLU C 10 29.82 -8.13 -11.53
N VAL C 11 30.09 -7.87 -12.81
CA VAL C 11 29.26 -8.36 -13.91
C VAL C 11 29.97 -9.56 -14.54
N LYS C 12 29.20 -10.54 -14.98
CA LYS C 12 29.74 -11.73 -15.62
C LYS C 12 28.89 -12.05 -16.84
N LYS C 13 29.52 -12.59 -17.89
CA LYS C 13 28.73 -12.88 -19.06
C LYS C 13 28.02 -14.23 -18.90
N PRO C 14 26.87 -14.42 -19.54
CA PRO C 14 26.13 -15.67 -19.37
C PRO C 14 26.94 -16.86 -19.85
N GLY C 15 26.99 -17.90 -19.02
CA GLY C 15 27.79 -19.08 -19.28
C GLY C 15 29.08 -19.13 -18.49
N SER C 16 29.56 -17.99 -18.00
CA SER C 16 30.80 -17.93 -17.23
C SER C 16 30.57 -18.46 -15.82
N SER C 17 31.66 -18.53 -15.06
CA SER C 17 31.60 -18.88 -13.64
C SER C 17 31.96 -17.65 -12.83
N VAL C 18 31.20 -17.40 -11.77
CA VAL C 18 31.50 -16.31 -10.85
C VAL C 18 32.09 -16.91 -9.58
N LYS C 19 32.99 -16.16 -8.96
CA LYS C 19 33.60 -16.55 -7.70
C LYS C 19 33.43 -15.39 -6.74
N VAL C 20 32.78 -15.64 -5.61
CA VAL C 20 32.61 -14.65 -4.56
C VAL C 20 33.46 -15.06 -3.37
N ALA C 21 34.20 -14.09 -2.82
CA ALA C 21 35.08 -14.34 -1.70
C ALA C 21 34.49 -13.76 -0.43
N CYS C 22 34.80 -14.39 0.69
CA CYS C 22 34.31 -13.96 2.00
C CYS C 22 35.46 -14.14 2.99
N LYS C 23 36.19 -13.06 3.26
CA LYS C 23 37.29 -13.09 4.23
C LYS C 23 36.71 -13.09 5.65
N VAL C 24 37.06 -14.11 6.41
CA VAL C 24 36.67 -14.25 7.81
C VAL C 24 37.86 -13.84 8.66
N SER C 25 37.77 -12.68 9.31
CA SER C 25 38.84 -12.15 10.13
C SER C 25 38.50 -12.37 11.60
N GLY C 26 39.41 -13.00 12.33
CA GLY C 26 39.18 -13.31 13.73
C GLY C 26 38.50 -14.65 13.92
N GLY C 27 38.70 -15.21 15.12
CA GLY C 27 38.12 -16.50 15.44
C GLY C 27 38.74 -17.65 14.67
N THR C 28 38.34 -18.87 15.00
CA THR C 28 38.89 -20.06 14.35
C THR C 28 38.08 -20.37 13.10
N PHE C 29 38.71 -20.17 11.94
CA PHE C 29 38.00 -20.29 10.68
C PHE C 29 37.39 -21.68 10.48
N SER C 30 38.11 -22.73 10.87
CA SER C 30 37.69 -24.09 10.53
C SER C 30 36.52 -24.59 11.38
N SER C 31 36.26 -23.97 12.52
CA SER C 31 35.15 -24.40 13.37
C SER C 31 33.80 -23.79 12.97
N TYR C 32 33.75 -22.76 12.14
CA TYR C 32 32.44 -22.16 11.89
C TYR C 32 31.68 -22.94 10.80
N THR C 33 30.37 -22.76 10.81
CA THR C 33 29.53 -23.23 9.70
C THR C 33 29.30 -22.06 8.76
N ILE C 34 30.01 -22.07 7.62
CA ILE C 34 30.00 -20.96 6.68
C ILE C 34 28.89 -21.19 5.65
N SER C 35 27.83 -20.42 5.78
CA SER C 35 26.65 -20.59 4.90
C SER C 35 26.57 -19.45 3.89
N TRP C 36 25.97 -19.73 2.74
CA TRP C 36 25.82 -18.71 1.68
C TRP C 36 24.34 -18.50 1.38
N VAL C 37 23.90 -17.24 1.38
CA VAL C 37 22.48 -16.90 1.17
C VAL C 37 22.33 -15.95 -0.02
N ARG C 38 21.37 -16.24 -0.88
CA ARG C 38 21.09 -15.40 -2.06
C ARG C 38 19.80 -14.59 -1.90
N GLN C 39 19.84 -13.32 -2.28
CA GLN C 39 18.62 -12.48 -2.31
C GLN C 39 18.45 -11.97 -3.74
N ALA C 40 17.58 -12.63 -4.50
CA ALA C 40 17.28 -12.22 -5.89
C ALA C 40 16.45 -10.93 -5.89
N PRO C 41 16.55 -10.11 -6.95
CA PRO C 41 15.88 -8.81 -6.96
C PRO C 41 14.40 -8.85 -6.55
N GLY C 42 14.00 -7.97 -5.63
CA GLY C 42 12.62 -7.94 -5.18
C GLY C 42 12.15 -9.16 -4.43
N GLN C 43 13.05 -10.10 -4.13
CA GLN C 43 12.69 -11.36 -3.52
C GLN C 43 13.42 -11.53 -2.19
N GLY C 44 13.04 -12.59 -1.47
CA GLY C 44 13.56 -12.82 -0.15
C GLY C 44 14.89 -13.53 -0.11
N LEU C 45 15.07 -14.40 0.87
CA LEU C 45 16.36 -15.02 1.17
C LEU C 45 16.26 -16.53 0.95
N GLU C 46 17.28 -17.10 0.29
CA GLU C 46 17.35 -18.53 0.00
C GLU C 46 18.73 -19.05 0.39
N TRP C 47 18.76 -20.09 1.21
CA TRP C 47 20.01 -20.75 1.59
C TRP C 47 20.52 -21.58 0.42
N MET C 48 21.74 -21.31 -0.03
CA MET C 48 22.33 -22.07 -1.12
C MET C 48 23.10 -23.28 -0.64
N GLY C 49 23.68 -23.21 0.54
CA GLY C 49 24.51 -24.28 1.03
C GLY C 49 25.50 -23.73 2.04
N GLY C 50 26.29 -24.64 2.59
CA GLY C 50 27.31 -24.22 3.52
C GLY C 50 28.39 -25.26 3.64
N ILE C 51 29.46 -24.86 4.33
CA ILE C 51 30.58 -25.77 4.57
C ILE C 51 31.11 -25.48 5.96
N ILE C 52 31.53 -26.53 6.66
CA ILE C 52 32.34 -26.42 7.86
C ILE C 52 33.77 -26.77 7.48
N PRO C 53 34.70 -25.81 7.45
CA PRO C 53 36.05 -26.12 6.97
C PRO C 53 36.72 -27.28 7.69
N SER C 54 36.52 -27.42 9.02
CA SER C 54 37.18 -28.52 9.72
C SER C 54 36.70 -29.87 9.21
N PHE C 55 35.39 -30.02 8.94
CA PHE C 55 34.87 -31.30 8.48
C PHE C 55 35.15 -31.51 6.99
N GLY C 56 35.29 -30.42 6.23
CA GLY C 56 35.77 -30.49 4.86
C GLY C 56 34.76 -30.94 3.82
N VAL C 57 33.47 -30.89 4.11
CA VAL C 57 32.45 -31.39 3.19
C VAL C 57 31.43 -30.29 2.98
N GLY C 58 31.14 -29.99 1.71
CA GLY C 58 30.10 -29.02 1.41
C GLY C 58 28.73 -29.66 1.46
N HIS C 59 27.74 -28.88 1.91
CA HIS C 59 26.35 -29.31 1.93
C HIS C 59 25.53 -28.27 1.17
N TYR C 60 24.95 -28.66 0.04
CA TYR C 60 24.26 -27.76 -0.87
C TYR C 60 22.77 -28.06 -0.89
N SER C 61 21.96 -27.01 -1.01
CA SER C 61 20.54 -27.23 -1.21
C SER C 61 20.28 -27.79 -2.61
N GLN C 62 19.14 -28.48 -2.74
CA GLN C 62 18.79 -29.17 -3.98
C GLN C 62 18.75 -28.22 -5.16
N LYS C 63 18.35 -26.95 -4.95
CA LYS C 63 18.19 -26.03 -6.07
C LYS C 63 19.53 -25.68 -6.71
N PHE C 64 20.60 -25.59 -5.92
CA PHE C 64 21.89 -25.12 -6.40
C PHE C 64 22.95 -26.22 -6.50
N ARG C 65 22.61 -27.46 -6.17
CA ARG C 65 23.63 -28.49 -5.96
C ARG C 65 24.53 -28.69 -7.18
N ASP C 66 23.95 -28.69 -8.39
CA ASP C 66 24.75 -29.07 -9.55
C ASP C 66 25.70 -27.94 -9.99
N ARG C 67 25.33 -26.68 -9.74
CA ARG C 67 26.10 -25.55 -10.23
C ARG C 67 26.89 -24.80 -9.16
N VAL C 68 26.71 -25.13 -7.89
CA VAL C 68 27.38 -24.40 -6.82
C VAL C 68 28.59 -25.20 -6.33
N THR C 69 29.64 -24.48 -5.97
CA THR C 69 30.83 -25.06 -5.35
C THR C 69 31.27 -24.16 -4.21
N LEU C 70 31.44 -24.74 -3.03
CA LEU C 70 31.88 -23.99 -1.85
C LEU C 70 33.23 -24.53 -1.40
N THR C 71 34.17 -23.63 -1.21
CA THR C 71 35.50 -24.01 -0.80
C THR C 71 35.92 -23.13 0.37
N ALA C 72 36.93 -23.60 1.09
CA ALA C 72 37.46 -22.87 2.24
C ALA C 72 38.97 -22.86 2.14
N ASP C 73 39.54 -21.66 2.11
CA ASP C 73 41.00 -21.49 2.08
C ASP C 73 41.47 -21.31 3.52
N LYS C 74 41.88 -22.41 4.14
CA LYS C 74 42.35 -22.34 5.52
C LYS C 74 43.59 -21.47 5.66
N SER C 75 44.47 -21.46 4.65
CA SER C 75 45.71 -20.70 4.80
C SER C 75 45.47 -19.19 4.82
N THR C 76 44.31 -18.74 4.35
CA THR C 76 43.95 -17.31 4.35
C THR C 76 42.61 -17.06 5.04
N THR C 77 41.99 -18.08 5.65
CA THR C 77 40.68 -17.99 6.29
C THR C 77 39.68 -17.21 5.43
N THR C 78 39.56 -17.65 4.18
CA THR C 78 38.60 -17.07 3.26
C THR C 78 37.70 -18.17 2.74
N ALA C 79 36.41 -17.91 2.69
CA ALA C 79 35.44 -18.83 2.12
C ALA C 79 35.11 -18.36 0.71
N PHE C 80 34.93 -19.32 -0.19
CA PHE C 80 34.60 -18.98 -1.56
C PHE C 80 33.30 -19.64 -1.98
N LEU C 81 32.53 -18.91 -2.76
CA LEU C 81 31.32 -19.39 -3.42
C LEU C 81 31.56 -19.28 -4.91
N GLU C 82 31.33 -20.37 -5.63
CA GLU C 82 31.43 -20.33 -7.08
C GLU C 82 30.19 -20.94 -7.69
N LEU C 83 29.73 -20.33 -8.77
CA LEU C 83 28.50 -20.70 -9.45
C LEU C 83 28.83 -20.83 -10.93
N SER C 84 28.67 -22.02 -11.48
CA SER C 84 29.09 -22.30 -12.86
C SER C 84 27.93 -22.08 -13.82
N SER C 85 28.22 -21.87 -15.11
CA SER C 85 27.15 -21.76 -16.13
C SER C 85 26.12 -20.73 -15.69
N VAL C 86 26.59 -19.52 -15.39
CA VAL C 86 25.70 -18.46 -14.85
C VAL C 86 24.61 -18.07 -15.82
N ARG C 87 23.46 -17.69 -15.29
CA ARG C 87 22.30 -17.29 -16.10
C ARG C 87 21.78 -15.95 -15.56
N SER C 88 20.96 -15.25 -16.33
CA SER C 88 20.46 -13.91 -15.94
C SER C 88 19.67 -13.97 -14.63
N GLU C 89 19.01 -15.10 -14.37
CA GLU C 89 18.24 -15.28 -13.10
C GLU C 89 19.18 -15.30 -11.89
N ASP C 90 20.45 -15.63 -12.09
CA ASP C 90 21.45 -15.66 -11.00
C ASP C 90 21.88 -14.25 -10.58
N THR C 91 21.46 -13.21 -11.31
CA THR C 91 21.68 -11.85 -10.85
C THR C 91 21.04 -11.66 -9.48
N ALA C 92 21.84 -11.46 -8.43
CA ALA C 92 21.31 -11.36 -7.07
C ALA C 92 22.42 -10.90 -6.14
N LEU C 93 22.01 -10.45 -4.96
CA LEU C 93 22.93 -10.25 -3.84
C LEU C 93 23.27 -11.60 -3.22
N TYR C 94 24.56 -11.87 -3.05
CA TYR C 94 25.04 -13.09 -2.40
C TYR C 94 25.68 -12.69 -1.07
N TYR C 95 25.23 -13.32 0.01
CA TYR C 95 25.78 -13.09 1.35
C TYR C 95 26.48 -14.35 1.84
N CYS C 96 27.61 -14.18 2.51
CA CYS C 96 28.14 -15.23 3.37
C CYS C 96 27.79 -14.90 4.81
N ALA C 97 27.61 -15.94 5.61
CA ALA C 97 27.16 -15.77 6.97
C ALA C 97 27.52 -17.01 7.76
N ILE C 98 27.80 -16.82 9.04
CA ILE C 98 27.96 -17.93 9.98
C ILE C 98 26.56 -18.34 10.42
N LEU C 99 26.09 -19.47 9.88
CA LEU C 99 24.77 -20.02 10.15
C LEU C 99 24.89 -21.53 10.18
N GLY C 100 24.56 -22.15 11.31
CA GLY C 100 24.56 -23.60 11.43
C GLY C 100 23.17 -24.12 11.73
N THR C 101 23.06 -25.46 11.78
CA THR C 101 21.82 -26.16 12.09
C THR C 101 22.07 -27.16 13.22
N PHE C 102 21.03 -27.70 13.83
CA PHE C 102 21.23 -28.73 14.90
C PHE C 102 21.96 -29.95 14.32
N ASN C 103 21.53 -30.41 13.15
CA ASN C 103 22.16 -31.57 12.45
C ASN C 103 23.60 -31.28 12.00
N TRP C 104 23.92 -30.04 11.65
CA TRP C 104 25.21 -29.64 11.04
C TRP C 104 25.67 -28.32 11.64
N LYS C 105 26.59 -28.33 12.63
CA LYS C 105 26.92 -27.05 13.29
C LYS C 105 28.16 -27.07 14.18
N SER C 106 28.48 -25.89 14.74
CA SER C 106 29.54 -25.80 15.77
C SER C 106 28.82 -25.35 17.05
N GLY C 107 28.47 -26.30 17.91
CA GLY C 107 27.47 -26.13 18.97
C GLY C 107 27.53 -24.77 19.64
N GLY C 108 28.73 -24.22 19.81
CA GLY C 108 28.83 -22.96 20.57
C GLY C 108 28.03 -21.84 19.93
N ASN C 109 28.12 -21.63 18.62
CA ASN C 109 27.27 -20.61 17.97
C ASN C 109 26.64 -21.09 16.67
N TYR C 110 25.32 -21.06 16.60
CA TYR C 110 24.58 -21.40 15.36
C TYR C 110 24.46 -20.12 14.55
N PHE C 111 24.88 -19.01 15.15
CA PHE C 111 24.77 -17.69 14.49
C PHE C 111 26.10 -16.94 14.57
N GLY C 112 26.21 -15.88 13.76
CA GLY C 112 27.38 -15.05 13.68
C GLY C 112 27.18 -13.94 12.66
N PRO C 113 28.24 -13.18 12.40
CA PRO C 113 28.10 -12.05 11.49
C PRO C 113 27.67 -12.49 10.10
N TRP C 114 27.13 -11.51 9.36
CA TRP C 114 26.88 -11.61 7.94
C TRP C 114 27.88 -10.74 7.20
N GLY C 115 28.22 -11.14 5.98
CA GLY C 115 28.97 -10.27 5.12
C GLY C 115 28.11 -9.14 4.60
N GLN C 116 28.76 -8.12 4.04
CA GLN C 116 28.00 -6.99 3.52
C GLN C 116 27.23 -7.34 2.26
N GLY C 117 27.44 -8.52 1.70
CA GLY C 117 26.76 -8.87 0.46
C GLY C 117 27.54 -8.45 -0.77
N THR C 118 27.40 -9.26 -1.82
CA THR C 118 28.04 -9.01 -3.11
C THR C 118 26.98 -9.09 -4.20
N LEU C 119 26.83 -8.01 -4.95
CA LEU C 119 25.86 -7.95 -6.03
C LEU C 119 26.49 -8.51 -7.29
N VAL C 120 26.02 -9.66 -7.75
CA VAL C 120 26.51 -10.29 -8.97
C VAL C 120 25.48 -10.06 -10.06
N THR C 121 25.93 -9.54 -11.19
CA THR C 121 25.07 -9.27 -12.33
C THR C 121 25.52 -10.11 -13.51
N VAL C 122 24.60 -10.87 -14.10
CA VAL C 122 24.88 -11.68 -15.27
C VAL C 122 24.24 -10.97 -16.46
N SER C 123 25.07 -10.51 -17.40
CA SER C 123 24.59 -9.73 -18.53
C SER C 123 25.53 -9.88 -19.71
N SER C 124 24.99 -9.64 -20.91
CA SER C 124 25.79 -9.58 -22.12
C SER C 124 26.55 -8.27 -22.24
N ALA C 125 26.02 -7.20 -21.65
CA ALA C 125 26.73 -5.93 -21.57
C ALA C 125 27.86 -6.01 -20.55
N SER C 126 28.94 -5.29 -20.83
CA SER C 126 30.14 -5.29 -20.01
C SER C 126 30.20 -4.02 -19.17
N THR C 127 31.20 -3.97 -18.30
CA THR C 127 31.32 -2.90 -17.32
C THR C 127 31.55 -1.55 -18.00
N LYS C 128 30.92 -0.53 -17.43
CA LYS C 128 31.10 0.88 -17.84
C LYS C 128 31.11 1.79 -16.62
N GLY C 129 32.16 2.60 -16.49
CA GLY C 129 32.28 3.54 -15.37
C GLY C 129 31.33 4.72 -15.49
N PRO C 130 30.97 5.36 -14.37
CA PRO C 130 30.05 6.47 -14.39
C PRO C 130 30.63 7.81 -14.82
N SER C 131 29.79 8.64 -15.42
CA SER C 131 30.01 10.09 -15.47
C SER C 131 29.24 10.74 -14.33
N VAL C 132 29.90 11.63 -13.62
CA VAL C 132 29.31 12.31 -12.43
C VAL C 132 29.09 13.78 -12.76
N PHE C 133 27.84 14.21 -12.68
CA PHE C 133 27.47 15.59 -13.03
C PHE C 133 26.89 16.28 -11.79
N PRO C 134 27.23 17.56 -11.58
CA PRO C 134 26.73 18.29 -10.43
C PRO C 134 25.27 18.76 -10.51
N LEU C 135 24.52 18.57 -9.42
CA LEU C 135 23.15 19.13 -9.34
C LEU C 135 23.22 20.29 -8.34
N ALA C 136 23.47 21.48 -8.84
CA ALA C 136 23.86 22.60 -7.98
C ALA C 136 22.63 23.31 -7.40
N PRO C 137 22.77 23.95 -6.24
CA PRO C 137 21.62 24.62 -5.61
C PRO C 137 21.06 25.75 -6.47
N SER C 138 19.74 25.75 -6.62
CA SER C 138 19.04 26.76 -7.41
C SER C 138 17.81 27.29 -6.66
N ALA C 148 18.42 22.52 -1.77
CA ALA C 148 18.85 21.20 -2.21
C ALA C 148 20.06 21.23 -3.16
N LEU C 149 21.01 20.32 -2.95
CA LEU C 149 22.12 20.10 -3.86
C LEU C 149 22.29 18.59 -4.03
N GLY C 150 22.99 18.20 -5.09
CA GLY C 150 23.30 16.79 -5.28
C GLY C 150 24.21 16.44 -6.44
N CYS C 151 24.36 15.16 -6.71
CA CYS C 151 25.20 14.68 -7.83
C CYS C 151 24.40 13.71 -8.72
N LEU C 152 24.50 13.87 -10.04
CA LEU C 152 23.86 12.94 -10.99
C LEU C 152 24.93 11.97 -11.49
N VAL C 153 24.73 10.68 -11.23
CA VAL C 153 25.70 9.63 -11.64
C VAL C 153 25.06 8.84 -12.78
N LYS C 154 25.54 9.10 -13.98
CA LYS C 154 24.85 8.59 -15.19
C LYS C 154 25.70 7.67 -16.04
N ASP C 155 25.06 6.85 -16.87
CA ASP C 155 25.74 5.98 -17.87
C ASP C 155 26.77 5.08 -17.17
N TYR C 156 26.32 4.31 -16.18
CA TYR C 156 27.16 3.25 -15.57
C TYR C 156 26.54 1.85 -15.73
N PHE C 157 27.40 0.84 -15.69
CA PHE C 157 26.96 -0.54 -15.69
C PHE C 157 28.08 -1.43 -15.15
N PRO C 158 27.77 -2.43 -14.30
CA PRO C 158 26.44 -2.63 -13.70
C PRO C 158 26.28 -1.84 -12.41
N GLU C 159 25.19 -2.12 -11.69
CA GLU C 159 25.06 -1.66 -10.32
C GLU C 159 25.99 -2.43 -9.41
N PRO C 160 26.38 -1.86 -8.26
CA PRO C 160 25.94 -0.56 -7.77
C PRO C 160 27.03 0.51 -7.83
N VAL C 161 26.63 1.76 -7.70
CA VAL C 161 27.54 2.83 -7.32
C VAL C 161 27.17 3.23 -5.90
N THR C 162 28.17 3.71 -5.18
CA THR C 162 27.92 4.28 -3.87
C THR C 162 28.31 5.75 -3.89
N VAL C 163 27.51 6.57 -3.24
CA VAL C 163 27.74 8.00 -3.15
C VAL C 163 27.88 8.37 -1.68
N SER C 164 28.94 9.09 -1.35
CA SER C 164 29.11 9.71 -0.06
C SER C 164 29.22 11.21 -0.27
N TRP C 165 28.96 11.94 0.81
CA TRP C 165 29.17 13.40 0.78
C TRP C 165 30.26 13.81 1.79
N ASN C 166 31.42 14.24 1.29
CA ASN C 166 32.61 14.53 2.10
C ASN C 166 33.24 13.26 2.67
N SER C 167 33.40 12.25 1.81
CA SER C 167 34.04 10.97 2.18
C SER C 167 33.29 10.28 3.32
N GLY C 168 31.98 10.46 3.35
CA GLY C 168 31.24 10.20 4.57
C GLY C 168 31.23 11.48 5.39
N ALA C 169 31.04 11.33 6.69
CA ALA C 169 31.10 12.50 7.58
C ALA C 169 30.02 13.53 7.27
N LEU C 170 29.27 13.33 6.20
CA LEU C 170 28.04 14.07 5.95
C LEU C 170 27.00 13.03 5.54
N THR C 171 26.10 12.71 6.48
CA THR C 171 25.11 11.66 6.27
C THR C 171 23.68 12.09 6.53
N SER C 172 23.46 13.17 7.26
CA SER C 172 22.12 13.65 7.57
C SER C 172 21.64 14.62 6.49
N GLY C 173 20.42 14.41 6.02
CA GLY C 173 19.88 15.15 4.90
C GLY C 173 20.17 14.54 3.55
N VAL C 174 20.84 13.39 3.50
CA VAL C 174 21.23 12.78 2.23
C VAL C 174 20.17 11.77 1.82
N HIS C 175 19.79 11.80 0.54
CA HIS C 175 18.97 10.77 -0.05
C HIS C 175 19.65 10.32 -1.34
N THR C 176 20.03 9.06 -1.39
CA THR C 176 20.52 8.47 -2.62
C THR C 176 19.40 7.60 -3.20
N PHE C 177 19.01 7.92 -4.44
CA PHE C 177 17.86 7.27 -5.04
C PHE C 177 18.24 5.93 -5.64
N PRO C 178 17.32 4.97 -5.64
CA PRO C 178 17.52 3.75 -6.41
C PRO C 178 17.83 4.09 -7.86
N ALA C 179 18.81 3.40 -8.41
CA ALA C 179 19.17 3.56 -9.82
C ALA C 179 18.00 3.12 -10.71
N VAL C 180 17.89 3.78 -11.86
CA VAL C 180 16.92 3.40 -12.88
C VAL C 180 17.68 2.97 -14.14
N LEU C 181 17.12 1.99 -14.85
CA LEU C 181 17.73 1.50 -16.08
C LEU C 181 17.22 2.34 -17.25
N GLN C 182 18.14 3.08 -17.87
CA GLN C 182 17.80 3.94 -19.02
C GLN C 182 17.59 3.10 -20.29
N SER C 183 17.01 3.71 -21.32
CA SER C 183 16.77 3.06 -22.61
C SER C 183 18.06 2.48 -23.20
N SER C 184 19.20 3.10 -22.86
CA SER C 184 20.56 2.71 -23.32
C SER C 184 20.98 1.32 -22.82
N GLY C 185 20.37 0.85 -21.73
CA GLY C 185 20.91 -0.27 -21.00
C GLY C 185 21.91 0.10 -19.92
N LEU C 186 22.15 1.40 -19.77
CA LEU C 186 23.05 1.92 -18.71
C LEU C 186 22.22 2.51 -17.57
N TYR C 187 22.66 2.28 -16.34
CA TYR C 187 21.96 2.80 -15.14
C TYR C 187 22.27 4.27 -14.90
N SER C 188 21.39 4.96 -14.19
CA SER C 188 21.62 6.38 -13.76
C SER C 188 20.94 6.56 -12.40
N LEU C 189 21.63 7.23 -11.47
CA LEU C 189 21.07 7.57 -10.13
C LEU C 189 21.37 9.00 -9.74
N SER C 190 20.62 9.53 -8.80
CA SER C 190 20.89 10.88 -8.27
C SER C 190 21.00 10.84 -6.74
N SER C 191 21.99 11.52 -6.16
CA SER C 191 22.12 11.64 -4.69
C SER C 191 22.01 13.11 -4.34
N VAL C 192 21.08 13.42 -3.45
CA VAL C 192 20.78 14.80 -3.08
C VAL C 192 21.00 14.98 -1.58
N VAL C 193 21.26 16.23 -1.20
CA VAL C 193 21.38 16.63 0.19
C VAL C 193 20.66 17.96 0.34
N THR C 194 19.80 18.06 1.35
CA THR C 194 19.18 19.34 1.71
C THR C 194 20.06 20.03 2.74
N VAL C 195 20.52 21.22 2.41
CA VAL C 195 21.43 21.96 3.28
C VAL C 195 20.74 23.22 3.77
N PRO C 196 21.09 23.73 4.95
CA PRO C 196 20.69 25.09 5.30
C PRO C 196 21.36 26.08 4.36
N SER C 197 20.62 27.12 3.98
CA SER C 197 21.28 28.22 3.28
C SER C 197 22.36 28.86 4.15
N SER C 198 22.38 28.57 5.45
CA SER C 198 23.45 29.06 6.33
C SER C 198 24.82 28.55 5.89
N SER C 199 24.89 27.31 5.42
CA SER C 199 26.16 26.62 5.19
C SER C 199 26.52 26.50 3.71
N LEU C 200 25.97 27.37 2.85
CA LEU C 200 26.27 27.27 1.43
C LEU C 200 27.69 27.72 1.12
N GLY C 201 28.13 28.83 1.72
CA GLY C 201 29.48 29.28 1.50
C GLY C 201 30.46 28.77 2.55
N THR C 202 29.92 28.36 3.70
CA THR C 202 30.77 27.99 4.84
C THR C 202 31.36 26.58 4.66
N GLN C 203 30.55 25.61 4.31
CA GLN C 203 30.98 24.22 4.25
C GLN C 203 31.20 23.79 2.80
N THR C 204 32.25 23.01 2.58
CA THR C 204 32.50 22.41 1.28
C THR C 204 31.62 21.18 1.12
N TYR C 205 30.97 21.05 -0.03
CA TYR C 205 30.10 19.93 -0.32
C TYR C 205 30.66 19.18 -1.53
N ILE C 206 31.28 18.03 -1.25
CA ILE C 206 31.87 17.18 -2.27
C ILE C 206 31.13 15.86 -2.25
N CYS C 207 30.66 15.43 -3.42
CA CYS C 207 30.07 14.09 -3.55
C CYS C 207 31.15 13.11 -4.00
N ASN C 208 31.27 12.01 -3.27
CA ASN C 208 32.28 11.02 -3.59
C ASN C 208 31.59 9.80 -4.19
N VAL C 209 31.84 9.55 -5.47
CA VAL C 209 31.19 8.44 -6.16
C VAL C 209 32.19 7.31 -6.34
N ASN C 210 31.75 6.11 -5.97
CA ASN C 210 32.55 4.89 -6.15
C ASN C 210 31.81 3.82 -6.95
N HIS C 211 32.33 3.44 -8.10
CA HIS C 211 31.77 2.30 -8.87
C HIS C 211 32.79 1.18 -8.74
N LYS C 212 32.54 0.22 -7.85
CA LYS C 212 33.52 -0.85 -7.57
C LYS C 212 33.72 -1.71 -8.81
N PRO C 213 32.67 -2.01 -9.58
CA PRO C 213 32.81 -2.91 -10.72
C PRO C 213 33.81 -2.38 -11.76
N SER C 214 33.85 -1.07 -12.00
CA SER C 214 34.81 -0.43 -12.93
C SER C 214 36.05 0.05 -12.17
N ASN C 215 36.03 -0.03 -10.84
CA ASN C 215 37.14 0.47 -10.00
C ASN C 215 37.33 1.96 -10.28
N THR C 216 36.23 2.68 -10.44
CA THR C 216 36.28 4.13 -10.76
C THR C 216 35.81 4.95 -9.55
N LYS C 217 36.59 5.95 -9.15
CA LYS C 217 36.18 6.87 -8.06
C LYS C 217 36.28 8.31 -8.57
N VAL C 218 35.26 9.11 -8.29
CA VAL C 218 35.27 10.55 -8.65
C VAL C 218 34.74 11.32 -7.45
N ASP C 219 35.47 12.35 -7.06
CA ASP C 219 34.99 13.33 -6.09
C ASP C 219 34.66 14.61 -6.84
N LYS C 220 33.37 14.88 -6.97
CA LYS C 220 32.92 16.15 -7.59
C LYS C 220 32.57 17.13 -6.47
N LYS C 221 33.26 18.27 -6.47
CA LYS C 221 32.86 19.39 -5.63
C LYS C 221 31.62 20.04 -6.25
N VAL C 222 30.52 19.96 -5.51
CA VAL C 222 29.25 20.55 -5.99
C VAL C 222 29.23 22.01 -5.56
N GLU C 223 29.69 22.89 -6.45
CA GLU C 223 29.75 24.31 -6.14
C GLU C 223 28.39 24.95 -6.39
N PRO C 224 27.89 25.78 -5.47
CA PRO C 224 26.56 26.38 -5.67
C PRO C 224 26.47 27.18 -6.96
N LYS C 225 25.23 27.34 -7.44
CA LYS C 225 24.95 28.10 -8.65
C LYS C 225 23.95 29.21 -8.37
N ASP D 1 11.49 -30.38 3.15
CA ASP D 1 12.10 -29.34 3.96
C ASP D 1 11.09 -28.74 4.94
N ILE D 2 11.57 -27.89 5.83
CA ILE D 2 10.73 -27.20 6.80
C ILE D 2 10.32 -25.87 6.16
N VAL D 3 9.11 -25.81 5.65
CA VAL D 3 8.59 -24.59 5.02
C VAL D 3 8.11 -23.64 6.11
N LEU D 4 8.63 -22.41 6.06
CA LEU D 4 8.18 -21.31 6.95
C LEU D 4 7.20 -20.39 6.22
N THR D 5 5.98 -20.31 6.74
CA THR D 5 4.95 -19.43 6.16
C THR D 5 4.79 -18.23 7.09
N GLN D 6 5.08 -17.04 6.59
CA GLN D 6 5.07 -15.82 7.42
C GLN D 6 3.79 -15.03 7.14
N SER D 7 3.34 -14.33 8.16
CA SER D 7 2.16 -13.46 8.03
C SER D 7 2.38 -12.20 8.85
N PRO D 8 1.88 -11.03 8.40
CA PRO D 8 1.31 -10.81 7.06
C PRO D 8 2.43 -10.52 6.08
N ASP D 9 2.08 -10.24 4.82
CA ASP D 9 3.10 -9.90 3.83
C ASP D 9 3.54 -8.44 3.94
N SER D 10 2.63 -7.54 4.27
CA SER D 10 3.01 -6.17 4.57
C SER D 10 2.00 -5.56 5.52
N LEU D 11 2.48 -4.57 6.27
CA LEU D 11 1.60 -3.82 7.15
C LEU D 11 2.07 -2.38 7.20
N ALA D 12 1.11 -1.49 7.43
CA ALA D 12 1.35 -0.08 7.65
C ALA D 12 0.78 0.25 9.01
N ALA D 13 1.62 0.76 9.91
CA ALA D 13 1.20 1.08 11.25
C ALA D 13 1.75 2.44 11.65
N SER D 14 0.99 3.16 12.44
CA SER D 14 1.43 4.46 12.91
C SER D 14 2.49 4.31 13.99
N LEU D 15 3.30 5.36 14.15
CA LEU D 15 4.24 5.44 15.29
C LEU D 15 3.50 5.25 16.63
N GLY D 16 4.04 4.39 17.49
CA GLY D 16 3.44 4.11 18.81
C GLY D 16 2.51 2.91 18.80
N GLU D 17 2.22 2.38 17.62
CA GLU D 17 1.39 1.17 17.49
C GLU D 17 2.22 -0.11 17.69
N ARG D 18 1.54 -1.25 17.80
CA ARG D 18 2.23 -2.56 17.91
C ARG D 18 2.16 -3.24 16.54
N ALA D 19 3.29 -3.75 16.08
CA ALA D 19 3.31 -4.67 14.93
C ALA D 19 3.41 -6.09 15.44
N THR D 20 2.59 -6.98 14.89
CA THR D 20 2.61 -8.40 15.19
C THR D 20 2.89 -9.15 13.89
N ILE D 21 3.99 -9.89 13.86
CA ILE D 21 4.35 -10.71 12.71
C ILE D 21 4.35 -12.16 13.16
N SER D 22 3.80 -13.02 12.31
CA SER D 22 3.59 -14.45 12.65
C SER D 22 4.30 -15.37 11.65
N CYS D 23 4.81 -16.50 12.13
CA CYS D 23 5.47 -17.51 11.27
C CYS D 23 4.92 -18.88 11.64
N LYS D 24 4.50 -19.63 10.64
CA LYS D 24 4.01 -21.01 10.85
C LYS D 24 4.99 -21.99 10.19
N SER D 25 5.51 -22.93 10.96
CA SER D 25 6.48 -23.93 10.46
C SER D 25 5.74 -25.21 10.08
N SER D 26 6.13 -25.79 8.95
CA SER D 26 5.59 -27.07 8.53
C SER D 26 5.96 -28.20 9.49
N HIS D 27 7.01 -28.04 10.29
CA HIS D 27 7.41 -29.07 11.24
C HIS D 27 7.92 -28.39 12.50
N SER D 28 7.81 -29.09 13.62
CA SER D 28 8.22 -28.51 14.89
C SER D 28 9.73 -28.32 14.93
N VAL D 29 10.18 -27.20 15.50
CA VAL D 29 11.59 -26.91 15.59
C VAL D 29 12.01 -26.86 17.05
N LEU D 30 11.22 -27.51 17.90
CA LEU D 30 11.49 -27.57 19.34
C LEU D 30 12.28 -28.84 19.68
N TYR D 31 13.32 -28.66 20.49
CA TYR D 31 14.05 -29.77 21.12
C TYR D 31 13.69 -29.76 22.61
N SER D 32 12.79 -30.67 23.01
CA SER D 32 12.16 -30.58 24.34
C SER D 32 13.09 -30.97 25.49
N SER D 33 14.22 -31.62 25.21
CA SER D 33 15.18 -31.88 26.29
C SER D 33 15.61 -30.59 26.95
N ASN D 34 16.08 -29.63 26.16
CA ASN D 34 16.43 -28.31 26.66
C ASN D 34 15.27 -27.32 26.59
N ASN D 35 14.14 -27.73 26.01
CA ASN D 35 13.03 -26.83 25.71
C ASN D 35 13.51 -25.62 24.90
N LYS D 36 14.24 -25.91 23.82
CA LYS D 36 14.82 -24.88 22.97
C LYS D 36 14.21 -24.97 21.57
N ASP D 37 13.91 -23.81 21.00
CA ASP D 37 13.33 -23.69 19.67
C ASP D 37 14.39 -23.16 18.72
N PHE D 38 14.62 -23.90 17.63
CA PHE D 38 15.66 -23.52 16.67
C PHE D 38 15.05 -22.60 15.61
N PHE D 39 14.70 -21.40 16.08
CA PHE D 39 13.98 -20.36 15.32
C PHE D 39 14.61 -18.98 15.62
N ALA D 40 14.65 -18.13 14.60
CA ALA D 40 15.23 -16.81 14.74
C ALA D 40 14.45 -15.80 13.91
N TRP D 41 14.56 -14.53 14.27
CA TRP D 41 13.96 -13.42 13.52
C TRP D 41 15.05 -12.42 13.10
N TYR D 42 14.96 -11.95 11.86
CA TYR D 42 15.92 -11.02 11.29
C TYR D 42 15.22 -9.74 10.85
N GLN D 43 15.98 -8.65 10.87
CA GLN D 43 15.54 -7.36 10.36
C GLN D 43 16.47 -6.93 9.24
N GLN D 44 15.91 -6.56 8.10
CA GLN D 44 16.73 -6.06 6.98
C GLN D 44 16.26 -4.65 6.64
N LYS D 45 17.10 -3.67 6.96
CA LYS D 45 16.82 -2.31 6.55
C LYS D 45 17.31 -2.09 5.13
N PRO D 46 16.76 -1.09 4.43
CA PRO D 46 17.17 -0.85 3.05
C PRO D 46 18.67 -0.62 2.93
N GLY D 47 19.32 -1.44 2.10
CA GLY D 47 20.72 -1.28 1.79
C GLY D 47 21.69 -2.08 2.65
N GLN D 48 21.21 -2.82 3.63
CA GLN D 48 22.08 -3.54 4.56
C GLN D 48 21.82 -5.03 4.51
N PRO D 49 22.77 -5.85 4.95
CA PRO D 49 22.48 -7.27 5.17
C PRO D 49 21.45 -7.44 6.26
N PRO D 50 20.74 -8.57 6.26
CA PRO D 50 19.86 -8.88 7.38
C PRO D 50 20.62 -8.81 8.70
N LYS D 51 19.91 -8.40 9.75
CA LYS D 51 20.47 -8.28 11.08
C LYS D 51 19.68 -9.15 12.04
N LEU D 52 20.38 -9.96 12.82
CA LEU D 52 19.73 -10.87 13.76
C LEU D 52 19.14 -10.09 14.92
N LEU D 53 17.82 -10.20 15.09
CA LEU D 53 17.11 -9.60 16.22
C LEU D 53 16.96 -10.58 17.38
N ILE D 54 16.48 -11.79 17.09
CA ILE D 54 16.05 -12.77 18.07
C ILE D 54 16.63 -14.12 17.66
N SER D 55 17.21 -14.85 18.62
CA SER D 55 17.59 -16.23 18.41
C SER D 55 16.85 -17.10 19.42
N TRP D 56 16.87 -18.42 19.18
CA TRP D 56 16.22 -19.38 20.08
C TRP D 56 14.78 -18.94 20.39
N ALA D 57 14.12 -18.37 19.38
CA ALA D 57 12.70 -17.98 19.43
C ALA D 57 12.44 -16.74 20.27
N SER D 58 13.16 -16.57 21.39
CA SER D 58 12.83 -15.52 22.34
C SER D 58 14.00 -14.70 22.86
N THR D 59 15.24 -15.07 22.55
CA THR D 59 16.40 -14.38 23.10
C THR D 59 16.76 -13.18 22.23
N ARG D 60 16.78 -11.99 22.82
CA ARG D 60 17.13 -10.77 22.12
C ARG D 60 18.65 -10.63 22.03
N GLU D 61 19.14 -10.29 20.85
CA GLU D 61 20.56 -9.99 20.68
C GLU D 61 20.90 -8.67 21.37
N SER D 62 22.16 -8.54 21.78
CA SER D 62 22.61 -7.31 22.42
C SER D 62 22.42 -6.12 21.49
N GLY D 63 21.91 -5.03 22.04
CA GLY D 63 21.61 -3.85 21.26
C GLY D 63 20.20 -3.80 20.71
N VAL D 64 19.46 -4.90 20.75
CA VAL D 64 18.08 -4.88 20.27
C VAL D 64 17.16 -4.30 21.34
N PRO D 65 16.40 -3.26 21.03
CA PRO D 65 15.53 -2.66 22.06
C PRO D 65 14.53 -3.67 22.62
N VAL D 66 14.11 -3.44 23.86
CA VAL D 66 13.13 -4.28 24.60
C VAL D 66 11.76 -4.34 23.90
N ARG D 67 11.50 -3.41 22.98
CA ARG D 67 10.23 -3.36 22.19
C ARG D 67 10.08 -4.61 21.32
N PHE D 68 11.19 -5.21 20.91
CA PHE D 68 11.18 -6.41 20.04
C PHE D 68 11.08 -7.67 20.91
N ASN D 69 10.00 -8.43 20.74
CA ASN D 69 9.74 -9.61 21.55
C ASN D 69 9.40 -10.78 20.65
N GLY D 70 10.11 -11.88 20.84
CA GLY D 70 9.85 -13.12 20.12
C GLY D 70 9.13 -14.11 21.05
N GLY D 71 8.13 -14.79 20.50
CA GLY D 71 7.38 -15.76 21.26
C GLY D 71 7.00 -16.95 20.40
N GLY D 72 6.35 -17.92 21.05
CA GLY D 72 5.88 -19.12 20.39
C GLY D 72 6.80 -20.29 20.64
N SER D 73 6.28 -21.47 20.32
CA SER D 73 7.06 -22.71 20.44
C SER D 73 6.49 -23.72 19.44
N GLY D 74 7.35 -24.65 19.04
CA GLY D 74 6.93 -25.73 18.18
C GLY D 74 6.82 -25.35 16.72
N THR D 75 5.62 -24.99 16.30
CA THR D 75 5.27 -24.74 14.88
C THR D 75 4.79 -23.30 14.67
N HIS D 76 4.32 -22.64 15.72
CA HIS D 76 3.77 -21.27 15.58
C HIS D 76 4.64 -20.29 16.36
N PHE D 77 5.10 -19.25 15.68
CA PHE D 77 5.99 -18.25 16.32
C PHE D 77 5.49 -16.82 16.01
N THR D 78 5.84 -15.89 16.89
CA THR D 78 5.42 -14.51 16.73
C THR D 78 6.57 -13.56 17.04
N LEU D 79 6.68 -12.50 16.26
CA LEU D 79 7.54 -11.37 16.59
C LEU D 79 6.63 -10.17 16.82
N THR D 80 6.71 -9.62 18.02
CA THR D 80 5.92 -8.45 18.43
C THR D 80 6.82 -7.23 18.58
N ILE D 81 6.54 -6.21 17.78
CA ILE D 81 7.28 -4.94 17.90
C ILE D 81 6.35 -3.92 18.54
N SER D 82 6.68 -3.48 19.75
CA SER D 82 5.85 -2.53 20.50
C SER D 82 6.34 -1.07 20.31
N SER D 83 5.44 -0.11 20.47
CA SER D 83 5.80 1.33 20.39
C SER D 83 6.60 1.62 19.12
N LEU D 84 6.03 1.30 17.97
CA LEU D 84 6.78 1.41 16.70
C LEU D 84 7.46 2.76 16.50
N GLN D 85 8.69 2.70 16.03
CA GLN D 85 9.48 3.92 15.78
C GLN D 85 9.85 3.94 14.29
N ALA D 86 10.24 5.11 13.77
CA ALA D 86 10.52 5.27 12.33
C ALA D 86 11.65 4.33 11.90
N GLU D 87 12.61 4.10 12.77
CA GLU D 87 13.77 3.20 12.50
C GLU D 87 13.33 1.74 12.30
N ASP D 88 12.13 1.37 12.74
CA ASP D 88 11.58 -0.01 12.58
C ASP D 88 11.31 -0.37 11.11
N VAL D 89 11.17 0.63 10.25
CA VAL D 89 10.88 0.40 8.82
C VAL D 89 11.95 -0.56 8.25
N ALA D 90 11.49 -1.67 7.70
CA ALA D 90 12.35 -2.80 7.32
C ALA D 90 11.48 -3.91 6.78
N VAL D 91 12.15 -4.90 6.19
CA VAL D 91 11.56 -6.22 5.90
C VAL D 91 12.04 -7.18 6.98
N TYR D 92 11.11 -7.90 7.59
CA TYR D 92 11.43 -8.86 8.65
C TYR D 92 11.34 -10.29 8.11
N TYR D 93 12.27 -11.14 8.54
CA TYR D 93 12.32 -12.53 8.09
C TYR D 93 12.40 -13.46 9.30
N CYS D 94 11.60 -14.52 9.23
CA CYS D 94 11.76 -15.71 10.11
C CYS D 94 12.80 -16.68 9.52
N GLN D 95 13.48 -17.44 10.39
CA GLN D 95 14.44 -18.45 9.93
C GLN D 95 14.43 -19.60 10.92
N GLN D 96 14.50 -20.83 10.40
CA GLN D 96 14.72 -22.00 11.22
C GLN D 96 16.11 -22.55 10.97
N TYR D 97 16.73 -23.07 12.03
CA TYR D 97 18.04 -23.71 11.95
C TYR D 97 18.00 -25.05 12.67
N PHE D 98 16.84 -25.70 12.64
CA PHE D 98 16.67 -27.03 13.22
C PHE D 98 17.23 -28.11 12.32
N SER D 99 16.91 -28.05 11.03
CA SER D 99 17.30 -29.08 10.09
C SER D 99 17.65 -28.46 8.75
N SER D 100 18.65 -29.04 8.10
CA SER D 100 19.01 -28.64 6.76
C SER D 100 17.93 -29.09 5.77
N PRO D 101 17.66 -28.29 4.72
CA PRO D 101 18.27 -26.99 4.45
C PRO D 101 17.70 -25.88 5.34
N ILE D 102 18.54 -24.91 5.70
CA ILE D 102 18.01 -23.72 6.36
C ILE D 102 16.99 -23.09 5.44
N THR D 103 15.90 -22.59 6.03
CA THR D 103 14.82 -21.97 5.27
C THR D 103 14.41 -20.70 5.99
N PHE D 104 13.93 -19.74 5.20
CA PHE D 104 13.47 -18.45 5.67
C PHE D 104 12.00 -18.28 5.33
N GLY D 105 11.32 -17.42 6.08
CA GLY D 105 10.02 -16.95 5.64
C GLY D 105 10.14 -16.05 4.42
N GLN D 106 9.01 -15.76 3.79
CA GLN D 106 9.04 -14.92 2.59
C GLN D 106 9.26 -13.45 2.89
N GLY D 107 9.20 -13.04 4.16
CA GLY D 107 9.46 -11.65 4.50
C GLY D 107 8.18 -10.89 4.77
N THR D 108 8.23 -9.96 5.72
CA THR D 108 7.13 -9.05 6.00
C THR D 108 7.66 -7.63 5.92
N ARG D 109 7.09 -6.82 5.04
CA ARG D 109 7.50 -5.43 4.91
C ARG D 109 6.72 -4.57 5.89
N LEU D 110 7.43 -3.81 6.72
CA LEU D 110 6.79 -2.90 7.66
C LEU D 110 6.95 -1.48 7.14
N GLU D 111 5.81 -0.80 6.94
CA GLU D 111 5.79 0.60 6.56
C GLU D 111 5.22 1.41 7.72
N ILE D 112 5.71 2.64 7.88
CA ILE D 112 5.20 3.54 8.90
C ILE D 112 4.16 4.45 8.26
N LYS D 113 2.97 4.52 8.85
CA LYS D 113 1.96 5.49 8.46
C LYS D 113 2.11 6.74 9.32
N ARG D 114 2.12 7.91 8.68
CA ARG D 114 2.32 9.18 9.37
C ARG D 114 1.39 10.21 8.77
N THR D 115 1.43 11.44 9.29
CA THR D 115 0.56 12.48 8.75
C THR D 115 0.98 12.86 7.34
N VAL D 116 -0.01 13.27 6.55
CA VAL D 116 0.24 13.77 5.21
C VAL D 116 1.26 14.91 5.25
N ALA D 117 2.20 14.89 4.30
CA ALA D 117 3.21 15.95 4.20
C ALA D 117 3.45 16.28 2.74
N ALA D 118 3.20 17.53 2.38
CA ALA D 118 3.41 17.99 1.02
C ALA D 118 4.91 18.01 0.68
N PRO D 119 5.26 17.72 -0.57
CA PRO D 119 6.68 17.72 -0.96
C PRO D 119 7.21 19.13 -1.17
N SER D 120 8.48 19.30 -0.85
CA SER D 120 9.24 20.46 -1.32
C SER D 120 9.74 20.14 -2.72
N VAL D 121 9.43 21.01 -3.68
CA VAL D 121 9.74 20.75 -5.09
C VAL D 121 10.97 21.58 -5.48
N PHE D 122 12.01 20.91 -5.97
CA PHE D 122 13.22 21.58 -6.44
C PHE D 122 13.52 21.13 -7.86
N ILE D 123 13.97 22.06 -8.69
CA ILE D 123 14.29 21.76 -10.07
C ILE D 123 15.75 22.11 -10.31
N PHE D 124 16.45 21.24 -11.03
CA PHE D 124 17.88 21.41 -11.30
C PHE D 124 18.09 21.47 -12.80
N PRO D 125 18.57 22.58 -13.34
CA PRO D 125 18.94 22.61 -14.76
C PRO D 125 20.17 21.76 -15.01
N PRO D 126 20.43 21.41 -16.27
CA PRO D 126 21.63 20.61 -16.57
C PRO D 126 22.90 21.40 -16.32
N SER D 127 23.95 20.67 -15.94
CA SER D 127 25.24 21.26 -15.70
C SER D 127 25.95 21.56 -17.02
N ASP D 128 26.89 22.51 -16.96
CA ASP D 128 27.72 22.82 -18.12
C ASP D 128 28.63 21.65 -18.48
N GLU D 129 29.05 20.86 -17.49
CA GLU D 129 29.83 19.66 -17.78
C GLU D 129 29.03 18.69 -18.62
N GLN D 130 27.74 18.52 -18.32
CA GLN D 130 26.91 17.60 -19.09
C GLN D 130 26.59 18.16 -20.47
N LEU D 131 26.26 19.45 -20.56
CA LEU D 131 25.93 20.05 -21.85
C LEU D 131 27.10 19.94 -22.83
N LYS D 132 28.33 20.06 -22.34
CA LYS D 132 29.48 19.83 -23.20
C LYS D 132 29.65 18.37 -23.58
N SER D 133 28.92 17.45 -22.93
CA SER D 133 28.97 16.03 -23.28
C SER D 133 27.96 15.66 -24.36
N GLY D 134 27.09 16.58 -24.77
CA GLY D 134 26.13 16.33 -25.82
C GLY D 134 24.72 15.99 -25.35
N THR D 135 24.51 15.85 -24.06
CA THR D 135 23.19 15.52 -23.52
C THR D 135 22.84 16.48 -22.39
N ALA D 136 21.54 16.57 -22.11
CA ALA D 136 21.02 17.45 -21.07
C ALA D 136 20.03 16.68 -20.21
N SER D 137 20.26 16.67 -18.90
CA SER D 137 19.30 16.10 -17.95
C SER D 137 18.72 17.20 -17.09
N VAL D 138 17.40 17.29 -17.05
CA VAL D 138 16.68 18.13 -16.11
C VAL D 138 16.15 17.24 -14.99
N VAL D 139 16.32 17.67 -13.75
CA VAL D 139 15.97 16.88 -12.58
C VAL D 139 14.99 17.66 -11.72
N CYS D 140 13.85 17.04 -11.43
CA CYS D 140 12.88 17.54 -10.47
C CYS D 140 12.97 16.68 -9.22
N LEU D 141 13.06 17.31 -8.06
CA LEU D 141 13.20 16.59 -6.79
C LEU D 141 12.00 16.92 -5.91
N LEU D 142 11.30 15.88 -5.47
CA LEU D 142 10.18 16.00 -4.54
C LEU D 142 10.68 15.47 -3.21
N ASN D 143 10.82 16.35 -2.23
CA ASN D 143 11.57 16.03 -1.02
C ASN D 143 10.63 15.93 0.20
N ASN D 144 10.75 14.83 0.92
CA ASN D 144 10.17 14.64 2.25
C ASN D 144 8.64 14.77 2.23
N PHE D 145 8.00 13.87 1.49
CA PHE D 145 6.55 13.86 1.39
C PHE D 145 5.99 12.52 1.85
N TYR D 146 4.70 12.54 2.19
CA TYR D 146 3.94 11.36 2.58
C TYR D 146 2.47 11.63 2.28
N PRO D 147 1.73 10.66 1.71
CA PRO D 147 2.16 9.30 1.39
C PRO D 147 2.93 9.15 0.07
N ARG D 148 3.25 7.91 -0.27
CA ARG D 148 4.16 7.60 -1.36
C ARG D 148 3.62 8.04 -2.72
N GLU D 149 2.30 8.06 -2.88
CA GLU D 149 1.69 8.33 -4.18
C GLU D 149 1.87 9.79 -4.57
N ALA D 150 2.47 10.03 -5.73
CA ALA D 150 2.70 11.37 -6.24
C ALA D 150 2.91 11.29 -7.75
N LYS D 151 2.48 12.33 -8.45
CA LYS D 151 2.57 12.39 -9.90
C LYS D 151 3.35 13.63 -10.31
N VAL D 152 4.31 13.45 -11.21
CA VAL D 152 5.10 14.55 -11.73
C VAL D 152 5.00 14.53 -13.25
N GLN D 153 4.69 15.68 -13.83
CA GLN D 153 4.56 15.83 -15.27
C GLN D 153 5.53 16.89 -15.74
N TRP D 154 6.21 16.61 -16.85
CA TRP D 154 7.12 17.58 -17.43
C TRP D 154 6.42 18.33 -18.55
N LYS D 155 6.71 19.63 -18.63
CA LYS D 155 6.27 20.49 -19.71
C LYS D 155 7.50 21.20 -20.25
N VAL D 156 7.69 21.13 -21.57
CA VAL D 156 8.77 21.84 -22.25
C VAL D 156 8.11 22.80 -23.22
N ASP D 157 8.31 24.10 -23.00
CA ASP D 157 7.59 25.16 -23.70
C ASP D 157 6.08 24.90 -23.67
N ASN D 158 5.57 24.52 -22.50
CA ASN D 158 4.15 24.25 -22.29
C ASN D 158 3.64 23.08 -23.13
N ALA D 159 4.50 22.12 -23.44
CA ALA D 159 4.11 20.90 -24.12
C ALA D 159 4.33 19.72 -23.17
N LEU D 160 3.28 18.91 -23.00
CA LEU D 160 3.35 17.78 -22.08
C LEU D 160 4.28 16.71 -22.62
N GLN D 161 5.32 16.38 -21.87
CA GLN D 161 6.31 15.40 -22.28
C GLN D 161 5.90 14.00 -21.84
N SER D 162 6.22 13.01 -22.67
CA SER D 162 5.91 11.62 -22.35
C SER D 162 6.94 10.71 -22.99
N GLY D 163 7.40 9.71 -22.23
CA GLY D 163 8.36 8.76 -22.73
C GLY D 163 9.82 9.19 -22.66
N ASN D 164 10.11 10.40 -22.18
CA ASN D 164 11.49 10.89 -22.10
C ASN D 164 11.90 11.21 -20.66
N SER D 165 11.17 10.72 -19.66
CA SER D 165 11.51 10.94 -18.27
C SER D 165 11.52 9.62 -17.51
N GLN D 166 12.23 9.59 -16.38
CA GLN D 166 12.26 8.43 -15.53
C GLN D 166 12.19 8.86 -14.07
N GLU D 167 11.43 8.11 -13.28
CA GLU D 167 11.18 8.41 -11.88
C GLU D 167 11.81 7.34 -10.98
N SER D 168 12.31 7.79 -9.83
CA SER D 168 12.83 6.90 -8.82
C SER D 168 12.43 7.44 -7.46
N VAL D 169 12.06 6.54 -6.55
CA VAL D 169 11.55 6.90 -5.23
C VAL D 169 12.41 6.22 -4.18
N THR D 170 12.77 6.97 -3.14
CA THR D 170 13.56 6.39 -2.06
C THR D 170 12.71 5.41 -1.27
N GLU D 171 13.39 4.55 -0.51
CA GLU D 171 12.72 3.84 0.56
C GLU D 171 12.28 4.84 1.62
N GLN D 172 11.38 4.41 2.49
CA GLN D 172 10.87 5.31 3.52
C GLN D 172 12.01 5.70 4.46
N ASP D 173 12.10 6.99 4.78
CA ASP D 173 13.20 7.51 5.57
C ASP D 173 13.10 7.04 7.01
N SER D 174 14.23 6.58 7.55
CA SER D 174 14.24 5.95 8.87
C SER D 174 14.11 6.92 10.02
N LYS D 175 14.07 8.23 9.77
CA LYS D 175 13.94 9.19 10.85
C LYS D 175 12.66 9.99 10.79
N ASP D 176 12.23 10.46 9.62
CA ASP D 176 10.99 11.20 9.52
C ASP D 176 9.88 10.46 8.77
N SER D 177 10.16 9.24 8.27
CA SER D 177 9.14 8.37 7.67
C SER D 177 8.56 8.93 6.39
N THR D 178 9.29 9.81 5.70
CA THR D 178 8.82 10.35 4.44
C THR D 178 9.51 9.68 3.27
N TYR D 179 9.04 10.01 2.08
CA TYR D 179 9.63 9.57 0.84
C TYR D 179 10.22 10.78 0.12
N SER D 180 11.12 10.50 -0.80
CA SER D 180 11.58 11.50 -1.75
C SER D 180 11.55 10.88 -3.13
N LEU D 181 11.34 11.72 -4.15
CA LEU D 181 11.16 11.26 -5.51
C LEU D 181 12.04 12.11 -6.42
N SER D 182 12.71 11.45 -7.35
CA SER D 182 13.48 12.12 -8.39
C SER D 182 12.85 11.80 -9.74
N SER D 183 12.65 12.84 -10.56
CA SER D 183 12.24 12.68 -11.94
C SER D 183 13.26 13.37 -12.83
N THR D 184 13.87 12.61 -13.74
CA THR D 184 14.89 13.12 -14.64
C THR D 184 14.34 13.14 -16.06
N LEU D 185 14.39 14.31 -16.68
CA LEU D 185 14.07 14.48 -18.10
C LEU D 185 15.39 14.61 -18.86
N THR D 186 15.62 13.73 -19.81
CA THR D 186 16.87 13.71 -20.56
C THR D 186 16.60 14.12 -22.00
N LEU D 187 17.28 15.17 -22.46
CA LEU D 187 17.20 15.67 -23.82
C LEU D 187 18.59 15.61 -24.46
N SER D 188 18.61 15.78 -25.77
CA SER D 188 19.86 16.08 -26.45
C SER D 188 20.28 17.51 -26.11
N LYS D 189 21.57 17.81 -26.31
CA LYS D 189 22.02 19.18 -26.14
C LYS D 189 21.32 20.11 -27.12
N ALA D 190 21.36 19.76 -28.41
CA ALA D 190 20.74 20.58 -29.45
C ALA D 190 19.24 20.74 -29.23
N ASP D 191 18.57 19.71 -28.73
CA ASP D 191 17.16 19.86 -28.38
C ASP D 191 16.97 20.73 -27.16
N TYR D 192 17.90 20.67 -26.20
CA TYR D 192 17.73 21.45 -24.98
C TYR D 192 17.91 22.94 -25.25
N GLU D 193 18.86 23.29 -26.12
CA GLU D 193 19.15 24.68 -26.41
C GLU D 193 18.17 25.31 -27.41
N LYS D 194 17.19 24.55 -27.91
CA LYS D 194 16.15 25.09 -28.77
C LYS D 194 14.82 25.29 -28.04
N HIS D 195 14.78 25.11 -26.72
CA HIS D 195 13.59 25.39 -25.93
C HIS D 195 13.96 26.27 -24.75
N LYS D 196 12.99 27.04 -24.26
CA LYS D 196 13.25 28.06 -23.25
C LYS D 196 12.81 27.63 -21.86
N VAL D 197 11.52 27.36 -21.67
CA VAL D 197 10.95 27.15 -20.35
C VAL D 197 10.80 25.65 -20.09
N TYR D 198 11.42 25.18 -19.02
CA TYR D 198 11.29 23.81 -18.56
C TYR D 198 10.58 23.81 -17.22
N ALA D 199 9.64 22.89 -17.03
CA ALA D 199 8.85 22.90 -15.81
C ALA D 199 8.41 21.49 -15.47
N CYS D 200 8.41 21.16 -14.17
CA CYS D 200 7.77 19.95 -13.68
C CYS D 200 6.54 20.36 -12.89
N GLU D 201 5.42 19.69 -13.16
CA GLU D 201 4.18 19.90 -12.44
C GLU D 201 3.99 18.74 -11.47
N VAL D 202 3.74 19.06 -10.21
CA VAL D 202 3.68 18.06 -9.14
C VAL D 202 2.28 18.03 -8.55
N THR D 203 1.68 16.85 -8.50
CA THR D 203 0.40 16.65 -7.83
C THR D 203 0.59 15.63 -6.70
N HIS D 204 0.07 15.98 -5.53
CA HIS D 204 0.16 15.13 -4.35
C HIS D 204 -0.98 15.51 -3.43
N GLN D 205 -1.52 14.54 -2.71
CA GLN D 205 -2.73 14.80 -1.93
C GLN D 205 -2.50 15.81 -0.81
N GLY D 206 -1.25 16.08 -0.46
CA GLY D 206 -0.92 17.13 0.49
C GLY D 206 -0.89 18.53 -0.07
N LEU D 207 -1.07 18.68 -1.39
CA LEU D 207 -1.11 19.96 -2.05
C LEU D 207 -2.55 20.31 -2.43
N SER D 208 -2.97 21.54 -2.13
CA SER D 208 -4.32 21.96 -2.47
C SER D 208 -4.52 22.02 -3.99
N SER D 209 -3.47 22.34 -4.73
CA SER D 209 -3.50 22.40 -6.18
C SER D 209 -2.13 21.99 -6.70
N PRO D 210 -2.04 21.53 -7.96
CA PRO D 210 -0.74 21.12 -8.49
C PRO D 210 0.28 22.25 -8.43
N VAL D 211 1.49 21.91 -7.98
CA VAL D 211 2.59 22.85 -7.86
C VAL D 211 3.43 22.78 -9.13
N THR D 212 3.88 23.94 -9.61
CA THR D 212 4.73 24.05 -10.79
C THR D 212 6.03 24.76 -10.43
N LYS D 213 7.16 24.14 -10.75
CA LYS D 213 8.47 24.74 -10.62
C LYS D 213 9.15 24.73 -11.98
N SER D 214 9.69 25.88 -12.39
CA SER D 214 10.17 26.06 -13.75
C SER D 214 11.47 26.86 -13.74
N PHE D 215 12.10 26.90 -14.90
CA PHE D 215 13.26 27.75 -15.12
C PHE D 215 13.37 28.05 -16.60
N ASN D 216 13.97 29.19 -16.91
CA ASN D 216 14.35 29.52 -18.27
C ASN D 216 15.80 29.10 -18.51
N ARG D 217 16.05 28.54 -19.68
CA ARG D 217 17.39 28.06 -20.03
C ARG D 217 18.41 29.21 -20.15
#